data_5HQA
#
_entry.id   5HQA
#
_cell.length_a   119.383
_cell.length_b   119.383
_cell.length_c   182.418
_cell.angle_alpha   90.000
_cell.angle_beta   90.000
_cell.angle_gamma   120.000
#
_symmetry.space_group_name_H-M   'P 32 2 1'
#
loop_
_entity.id
_entity.type
_entity.pdbx_description
1 polymer Alpha-glucosidase
2 branched 4,6-dideoxy-4-{[(1S,4R,5S,6S)-4,5,6-trihydroxy-3-(hydroxymethyl)cyclohex-2-en-1-yl]amino}-alpha-D-glucopyranose-(1-4)-alpha-D-glucopyranose-(1-4)-alpha-D-glucopyranose
3 non-polymer 'CALCIUM ION'
4 non-polymer 'CHLORIDE ION'
5 non-polymer 'MAGNESIUM ION'
6 non-polymer GLYCEROL
7 non-polymer 'FORMIC ACID'
8 non-polymer 'UNKNOWN ATOM OR ION'
9 water water
#
_entity_poly.entity_id   1
_entity_poly.type   'polypeptide(L)'
_entity_poly.pdbx_seq_one_letter_code
;ATVQSPDGNIKIIISDEQSTPSYSISFKNKTVINNSALGFEFKQHAPFSNSFKITKVQQQSTNTQWQQPWGERQTVVDQH
NEVTVTFAKPQPQGGTYSVRFKAFDSGVGFRYEVPKQAGLNNIEITKELTEFAVNNSHTATAWWIPARGWNRYEYVYNTT
PLNDAALVHTPFTFKNQDGVHISIHEAALVDYAAMVLNQRRPGVFQADLTPWSSGVAVKKQGAFNTPWRTIQIGEKAVDL
VNSDIILNLNEPNKLGDVSWVKPGKYIGIWWGMHINTHTWGSGDKHGATTKNTKYYMDFAAKYGFDGVLVEGWNTGWDGD
WFFNGDVFSFTQPYDDFDIAALTKYSKQTGVQLIGHHETSGNVSNYRKQMADAFALYEKSNVSQVKTGYVADGGNIKRID
KNGIARHEWHDGQFMVNEYLHNVKLAAKHKISINTHEPIKDTGLRRTYPNWITREGARGQEFNAWGTPPNPPEHISMLAF
TRMLAGPMDFTPGIFDLSFNGLGANTNRPQTTLAKQLALYVVLYSPIQMAADLPKNYLAKPDAFQFIQDVPTDWQQSIAL
DGAVGDFIVFARKERKRDKYTGNDWYLGAVTDEQARTIEISLDFLDNGKQFEAHIYKDGKNAEWKNNPYDLTIEKRLVTA
SDKLTLKLATSGGTAIRFKALLEHHHHHH
;
_entity_poly.pdbx_strand_id   A
#
loop_
_chem_comp.id
_chem_comp.type
_chem_comp.name
_chem_comp.formula
AC1 D-saccharide 4,6-dideoxy-4-{[(1S,4R,5S,6S)-4,5,6-trihydroxy-3-(hydroxymethyl)cyclohex-2-en-1-yl]amino}-alpha-D-glucopyranose 'C13 H23 N O8'
CA non-polymer 'CALCIUM ION' 'Ca 2'
CL non-polymer 'CHLORIDE ION' 'Cl -1'
FMT non-polymer 'FORMIC ACID' 'C H2 O2'
GLC D-saccharide, alpha linking alpha-D-glucopyranose 'C6 H12 O6'
GOL non-polymer GLYCEROL 'C3 H8 O3'
MG non-polymer 'MAGNESIUM ION' 'Mg 2'
UNX non-polymer 'UNKNOWN ATOM OR ION' ?
#
# COMPACT_ATOMS: atom_id res chain seq x y z
N ALA A 1 5.05 -25.74 -22.77
CA ALA A 1 4.70 -24.43 -23.29
C ALA A 1 5.65 -23.40 -22.70
N THR A 2 6.02 -22.38 -23.48
CA THR A 2 6.95 -21.35 -23.05
C THR A 2 6.41 -19.98 -23.43
N VAL A 3 6.54 -19.02 -22.52
CA VAL A 3 6.31 -17.62 -22.83
C VAL A 3 7.48 -16.84 -22.23
N GLN A 4 7.88 -15.76 -22.91
CA GLN A 4 9.02 -14.95 -22.49
C GLN A 4 8.62 -13.49 -22.42
N SER A 5 9.36 -12.74 -21.60
CA SER A 5 9.16 -11.30 -21.58
C SER A 5 9.51 -10.72 -22.94
N PRO A 6 9.06 -9.50 -23.23
CA PRO A 6 9.44 -8.86 -24.50
C PRO A 6 10.95 -8.83 -24.73
N ASP A 7 11.75 -8.56 -23.70
CA ASP A 7 13.20 -8.52 -23.90
C ASP A 7 13.85 -9.90 -23.84
N GLY A 8 13.08 -10.95 -23.57
CA GLY A 8 13.60 -12.31 -23.54
C GLY A 8 14.27 -12.73 -22.24
N ASN A 9 14.46 -11.82 -21.28
CA ASN A 9 15.23 -12.18 -20.09
C ASN A 9 14.46 -13.06 -19.12
N ILE A 10 13.14 -12.92 -19.05
CA ILE A 10 12.31 -13.78 -18.21
C ILE A 10 11.64 -14.82 -19.09
N LYS A 11 11.80 -16.09 -18.73
CA LYS A 11 11.26 -17.19 -19.52
C LYS A 11 10.47 -18.10 -18.59
N ILE A 12 9.20 -18.31 -18.90
N ILE A 12 9.21 -18.36 -18.92
CA ILE A 12 8.33 -19.22 -18.17
CA ILE A 12 8.35 -19.22 -18.12
C ILE A 12 8.20 -20.49 -18.99
C ILE A 12 8.06 -20.47 -18.92
N ILE A 13 8.32 -21.64 -18.33
CA ILE A 13 8.03 -22.93 -18.94
C ILE A 13 6.88 -23.55 -18.15
N ILE A 14 5.79 -23.86 -18.85
CA ILE A 14 4.62 -24.49 -18.26
C ILE A 14 4.59 -25.95 -18.73
N SER A 15 4.42 -26.85 -17.78
CA SER A 15 4.69 -28.27 -18.03
C SER A 15 3.54 -29.12 -17.49
N ASP A 16 3.42 -30.33 -18.03
CA ASP A 16 2.49 -31.31 -17.47
C ASP A 16 3.16 -32.64 -17.19
N GLU A 17 4.49 -32.66 -17.11
CA GLU A 17 5.22 -33.90 -16.90
C GLU A 17 5.29 -34.29 -15.43
N GLN A 18 5.24 -33.31 -14.54
CA GLN A 18 5.22 -33.58 -13.10
C GLN A 18 3.86 -34.16 -12.71
N SER A 19 3.72 -34.51 -11.43
CA SER A 19 2.47 -35.10 -10.96
C SER A 19 1.30 -34.21 -11.33
N THR A 20 1.44 -32.91 -11.11
N THR A 20 1.45 -32.90 -11.10
CA THR A 20 0.45 -31.92 -11.48
CA THR A 20 0.46 -31.92 -11.51
C THR A 20 1.02 -31.04 -12.60
C THR A 20 1.02 -31.07 -12.65
N PRO A 21 0.16 -30.28 -13.30
CA PRO A 21 0.65 -29.14 -14.05
C PRO A 21 1.62 -28.32 -13.19
N SER A 22 2.59 -27.69 -13.83
CA SER A 22 3.58 -26.94 -13.08
C SER A 22 4.20 -25.88 -13.98
N TYR A 23 4.89 -24.93 -13.35
CA TYR A 23 5.62 -23.92 -14.11
C TYR A 23 6.97 -23.71 -13.43
N SER A 24 7.91 -23.19 -14.22
CA SER A 24 9.21 -22.75 -13.72
C SER A 24 9.61 -21.49 -14.45
N ILE A 25 10.55 -20.74 -13.88
CA ILE A 25 10.93 -19.43 -14.44
C ILE A 25 12.44 -19.30 -14.40
N SER A 26 13.03 -18.87 -15.49
CA SER A 26 14.43 -18.49 -15.53
C SER A 26 14.56 -16.98 -15.77
N PHE A 27 15.66 -16.42 -15.27
CA PHE A 27 15.99 -15.02 -15.49
C PHE A 27 17.40 -14.99 -16.05
N LYS A 28 17.56 -14.42 -17.24
CA LYS A 28 18.84 -14.43 -17.95
C LYS A 28 19.41 -15.84 -18.00
N ASN A 29 18.53 -16.81 -18.27
CA ASN A 29 18.88 -18.21 -18.50
C ASN A 29 19.44 -18.91 -17.27
N LYS A 30 19.13 -18.40 -16.08
CA LYS A 30 19.36 -19.13 -14.83
C LYS A 30 18.02 -19.35 -14.17
N THR A 31 17.73 -20.59 -13.80
CA THR A 31 16.46 -20.89 -13.13
C THR A 31 16.39 -20.16 -11.79
N VAL A 32 15.34 -19.37 -11.59
CA VAL A 32 15.09 -18.74 -10.31
C VAL A 32 13.89 -19.33 -9.59
N ILE A 33 12.91 -19.85 -10.32
CA ILE A 33 11.76 -20.55 -9.76
C ILE A 33 11.77 -21.96 -10.34
N ASN A 34 11.96 -22.97 -9.48
CA ASN A 34 11.94 -24.36 -9.90
C ASN A 34 10.50 -24.80 -10.18
N ASN A 35 10.35 -26.03 -10.66
CA ASN A 35 9.03 -26.63 -10.88
C ASN A 35 8.10 -26.32 -9.72
N SER A 36 6.98 -25.67 -10.02
CA SER A 36 6.04 -25.20 -9.01
C SER A 36 4.64 -25.66 -9.40
N ALA A 37 3.94 -26.30 -8.45
CA ALA A 37 2.66 -26.94 -8.74
C ALA A 37 1.55 -25.93 -8.99
N LEU A 38 0.51 -26.40 -9.69
CA LEU A 38 -0.72 -25.66 -9.98
C LEU A 38 -1.92 -26.55 -9.68
N GLY A 39 -3.01 -25.96 -9.21
CA GLY A 39 -4.24 -26.72 -9.04
C GLY A 39 -5.06 -26.28 -7.83
N PHE A 40 -6.09 -27.09 -7.53
CA PHE A 40 -7.06 -26.81 -6.47
C PHE A 40 -7.50 -28.10 -5.78
N GLU A 41 -7.81 -27.97 -4.49
CA GLU A 41 -8.64 -28.93 -3.77
C GLU A 41 -9.91 -28.23 -3.30
N PHE A 42 -11.01 -28.97 -3.25
CA PHE A 42 -12.33 -28.46 -2.90
C PHE A 42 -12.89 -29.25 -1.74
N LYS A 43 -13.88 -28.68 -1.07
CA LYS A 43 -14.50 -29.37 0.05
C LYS A 43 -15.17 -30.66 -0.41
N GLN A 44 -15.91 -30.59 -1.51
CA GLN A 44 -16.66 -31.74 -1.99
C GLN A 44 -16.30 -32.13 -3.41
N HIS A 45 -16.12 -31.17 -4.30
CA HIS A 45 -15.73 -31.46 -5.67
C HIS A 45 -14.42 -32.23 -5.71
N ALA A 46 -14.26 -33.07 -6.73
CA ALA A 46 -13.00 -33.79 -6.94
C ALA A 46 -11.89 -32.80 -7.25
N PRO A 47 -10.64 -33.12 -6.88
CA PRO A 47 -9.56 -32.13 -7.00
C PRO A 47 -9.13 -31.87 -8.44
N PHE A 48 -8.60 -30.67 -8.67
CA PHE A 48 -7.89 -30.34 -9.91
C PHE A 48 -6.41 -30.42 -9.56
N SER A 49 -5.87 -31.64 -9.65
N SER A 49 -5.87 -31.64 -9.65
CA SER A 49 -4.47 -31.83 -9.26
CA SER A 49 -4.49 -31.85 -9.24
C SER A 49 -3.72 -32.65 -10.29
C SER A 49 -3.72 -32.65 -10.28
N ASN A 50 -3.54 -33.94 -10.04
CA ASN A 50 -2.74 -34.75 -10.95
C ASN A 50 -3.54 -35.17 -12.18
N SER A 51 -2.81 -35.64 -13.20
CA SER A 51 -3.34 -36.24 -14.43
C SER A 51 -3.96 -35.23 -15.38
N PHE A 52 -3.78 -33.93 -15.15
CA PHE A 52 -4.16 -32.92 -16.13
C PHE A 52 -3.04 -32.76 -17.15
N LYS A 53 -3.41 -32.75 -18.44
CA LYS A 53 -2.45 -32.62 -19.52
C LYS A 53 -2.75 -31.36 -20.33
N ILE A 54 -1.69 -30.75 -20.89
CA ILE A 54 -1.86 -29.59 -21.76
C ILE A 54 -2.47 -30.03 -23.08
N THR A 55 -3.57 -29.40 -23.46
CA THR A 55 -4.21 -29.68 -24.73
C THR A 55 -4.07 -28.55 -25.74
N LYS A 56 -3.85 -27.32 -25.29
CA LYS A 56 -3.90 -26.14 -26.15
C LYS A 56 -3.10 -25.02 -25.51
N VAL A 57 -2.39 -24.25 -26.35
CA VAL A 57 -1.80 -22.99 -25.92
C VAL A 57 -2.22 -21.91 -26.91
N GLN A 58 -2.54 -20.73 -26.38
CA GLN A 58 -2.94 -19.59 -27.20
C GLN A 58 -2.04 -18.42 -26.87
N GLN A 59 -1.29 -17.95 -27.86
CA GLN A 59 -0.31 -16.88 -27.68
C GLN A 59 -0.85 -15.56 -28.21
N GLN A 60 -0.64 -14.49 -27.44
CA GLN A 60 -0.95 -13.15 -27.89
C GLN A 60 -0.03 -12.20 -27.16
N SER A 61 -0.16 -10.91 -27.46
CA SER A 61 0.78 -9.95 -26.89
C SER A 61 0.14 -8.57 -26.86
N THR A 62 0.74 -7.70 -26.06
CA THR A 62 0.23 -6.36 -25.82
C THR A 62 1.37 -5.36 -25.88
N ASN A 63 1.13 -4.23 -26.52
CA ASN A 63 2.09 -3.13 -26.50
C ASN A 63 1.27 -1.84 -26.53
N THR A 64 0.85 -1.39 -25.34
CA THR A 64 -0.05 -0.26 -25.26
C THR A 64 0.33 0.60 -24.06
N GLN A 65 -0.42 1.68 -23.87
CA GLN A 65 -0.23 2.56 -22.72
C GLN A 65 -1.57 3.18 -22.36
N TRP A 66 -1.70 3.59 -21.10
CA TRP A 66 -2.94 4.18 -20.62
C TRP A 66 -2.60 5.28 -19.60
N GLN A 67 -3.58 6.12 -19.32
CA GLN A 67 -3.37 7.29 -18.46
C GLN A 67 -4.08 7.12 -17.14
N GLN A 68 -3.38 7.42 -16.03
CA GLN A 68 -4.00 7.36 -14.71
C GLN A 68 -4.72 8.68 -14.40
N PRO A 69 -5.86 8.63 -13.72
CA PRO A 69 -6.46 9.90 -13.25
C PRO A 69 -5.60 10.60 -12.22
N TRP A 70 -4.94 9.83 -11.36
CA TRP A 70 -3.98 10.29 -10.37
C TRP A 70 -3.04 9.12 -10.14
N GLY A 71 -1.86 9.40 -9.61
CA GLY A 71 -0.94 8.32 -9.36
C GLY A 71 0.49 8.79 -9.19
N GLU A 72 1.38 7.80 -9.19
CA GLU A 72 2.82 8.01 -9.13
C GLU A 72 3.41 8.28 -10.50
N ARG A 73 2.65 8.04 -11.56
CA ARG A 73 3.03 8.44 -12.91
C ARG A 73 1.75 8.60 -13.71
N GLN A 74 1.80 9.49 -14.70
CA GLN A 74 0.62 9.80 -15.49
C GLN A 74 0.35 8.75 -16.56
N THR A 75 1.39 8.30 -17.26
CA THR A 75 1.28 7.31 -18.32
C THR A 75 1.89 5.99 -17.87
N VAL A 76 1.12 4.91 -18.02
CA VAL A 76 1.56 3.56 -17.65
C VAL A 76 1.67 2.76 -18.94
N VAL A 77 2.85 2.21 -19.18
CA VAL A 77 3.13 1.39 -20.36
C VAL A 77 2.85 -0.07 -20.02
N ASP A 78 2.14 -0.76 -20.90
CA ASP A 78 1.81 -2.19 -20.76
C ASP A 78 2.40 -2.92 -21.97
N GLN A 79 3.54 -3.58 -21.78
CA GLN A 79 4.16 -4.39 -22.82
C GLN A 79 4.41 -5.79 -22.27
N HIS A 80 3.72 -6.79 -22.82
CA HIS A 80 3.91 -8.13 -22.31
C HIS A 80 3.56 -9.14 -23.41
N ASN A 81 4.12 -10.33 -23.26
CA ASN A 81 3.66 -11.48 -24.01
C ASN A 81 2.76 -12.32 -23.12
N GLU A 82 1.79 -12.98 -23.74
CA GLU A 82 0.73 -13.67 -23.02
C GLU A 82 0.57 -15.07 -23.59
N VAL A 83 0.34 -16.04 -22.73
CA VAL A 83 -0.06 -17.37 -23.19
C VAL A 83 -1.14 -17.90 -22.27
N THR A 84 -2.18 -18.48 -22.87
CA THR A 84 -3.21 -19.19 -22.13
C THR A 84 -2.99 -20.68 -22.37
N VAL A 85 -2.75 -21.42 -21.30
CA VAL A 85 -2.47 -22.85 -21.35
C VAL A 85 -3.69 -23.58 -20.84
N THR A 86 -4.25 -24.47 -21.66
CA THR A 86 -5.44 -25.22 -21.28
C THR A 86 -5.03 -26.62 -20.85
N PHE A 87 -5.51 -27.03 -19.68
CA PHE A 87 -5.28 -28.36 -19.13
C PHE A 87 -6.58 -29.13 -19.10
N ALA A 88 -6.51 -30.44 -19.36
CA ALA A 88 -7.69 -31.27 -19.30
C ALA A 88 -7.34 -32.63 -18.73
N LYS A 89 -8.27 -33.18 -17.96
CA LYS A 89 -8.19 -34.51 -17.40
C LYS A 89 -9.42 -35.30 -17.84
N PRO A 90 -9.27 -36.50 -18.37
CA PRO A 90 -10.45 -37.28 -18.77
C PRO A 90 -11.22 -37.78 -17.57
N GLN A 91 -12.51 -38.05 -17.81
CA GLN A 91 -13.35 -38.64 -16.77
C GLN A 91 -12.86 -40.08 -16.50
N PRO A 92 -13.18 -40.62 -15.31
CA PRO A 92 -13.97 -40.07 -14.20
C PRO A 92 -13.20 -39.03 -13.40
N GLN A 93 -13.94 -38.18 -12.70
CA GLN A 93 -13.35 -37.08 -11.93
C GLN A 93 -12.39 -36.28 -12.81
N GLY A 94 -12.82 -36.04 -14.05
CA GLY A 94 -12.09 -35.22 -14.98
C GLY A 94 -12.51 -33.77 -14.88
N GLY A 95 -11.96 -32.97 -15.78
CA GLY A 95 -12.23 -31.56 -15.79
C GLY A 95 -11.27 -30.82 -16.69
N THR A 96 -11.42 -29.50 -16.67
N THR A 96 -11.44 -29.51 -16.71
CA THR A 96 -10.67 -28.62 -17.56
CA THR A 96 -10.55 -28.68 -17.50
C THR A 96 -10.45 -27.28 -16.87
C THR A 96 -10.43 -27.32 -16.84
N TYR A 97 -9.25 -26.73 -16.99
CA TYR A 97 -9.02 -25.36 -16.56
C TYR A 97 -7.87 -24.81 -17.37
N SER A 98 -7.77 -23.49 -17.39
CA SER A 98 -6.69 -22.83 -18.07
C SER A 98 -5.93 -21.94 -17.10
N VAL A 99 -4.67 -21.69 -17.41
CA VAL A 99 -3.89 -20.70 -16.69
C VAL A 99 -3.38 -19.70 -17.70
N ARG A 100 -3.59 -18.42 -17.44
CA ARG A 100 -3.16 -17.34 -18.31
C ARG A 100 -1.90 -16.74 -17.69
N PHE A 101 -0.82 -16.69 -18.45
CA PHE A 101 0.45 -16.09 -18.02
C PHE A 101 0.73 -14.83 -18.82
N LYS A 102 1.13 -13.76 -18.13
CA LYS A 102 1.58 -12.54 -18.77
C LYS A 102 3.02 -12.29 -18.35
N ALA A 103 3.91 -12.18 -19.32
CA ALA A 103 5.34 -12.02 -19.05
C ALA A 103 5.74 -10.60 -19.45
N PHE A 104 6.13 -9.80 -18.46
CA PHE A 104 6.66 -8.45 -18.64
C PHE A 104 8.18 -8.47 -18.45
N ASP A 105 8.84 -7.42 -18.92
CA ASP A 105 10.27 -7.31 -18.65
C ASP A 105 10.56 -7.24 -17.14
N SER A 106 9.61 -6.81 -16.32
CA SER A 106 9.84 -6.67 -14.89
C SER A 106 9.23 -7.78 -14.05
N GLY A 107 8.58 -8.77 -14.65
CA GLY A 107 8.00 -9.84 -13.86
C GLY A 107 6.89 -10.56 -14.60
N VAL A 108 6.23 -11.47 -13.90
N VAL A 108 6.23 -11.46 -13.88
CA VAL A 108 5.20 -12.29 -14.52
CA VAL A 108 5.21 -12.37 -14.40
C VAL A 108 3.96 -12.32 -13.62
C VAL A 108 3.93 -12.21 -13.60
N GLY A 109 2.80 -12.39 -14.27
CA GLY A 109 1.54 -12.58 -13.58
C GLY A 109 0.84 -13.79 -14.17
N PHE A 110 0.16 -14.56 -13.31
CA PHE A 110 -0.66 -15.64 -13.85
C PHE A 110 -1.92 -15.81 -13.03
N ARG A 111 -2.97 -16.32 -13.67
CA ARG A 111 -4.21 -16.62 -12.97
C ARG A 111 -4.85 -17.83 -13.59
N TYR A 112 -5.67 -18.51 -12.80
CA TYR A 112 -6.46 -19.63 -13.28
C TYR A 112 -7.77 -19.12 -13.85
N GLU A 113 -8.22 -19.76 -14.92
CA GLU A 113 -9.55 -19.49 -15.49
C GLU A 113 -10.24 -20.83 -15.62
N VAL A 114 -11.21 -21.08 -14.75
CA VAL A 114 -11.93 -22.36 -14.71
C VAL A 114 -13.26 -22.14 -15.42
N PRO A 115 -13.49 -22.79 -16.55
CA PRO A 115 -14.69 -22.53 -17.34
C PRO A 115 -15.88 -23.32 -16.84
N LYS A 116 -17.06 -22.94 -17.33
CA LYS A 116 -18.26 -23.73 -17.12
C LYS A 116 -18.04 -25.16 -17.58
N GLN A 117 -18.43 -26.11 -16.74
CA GLN A 117 -18.29 -27.53 -17.07
C GLN A 117 -19.21 -28.35 -16.18
N ALA A 118 -19.59 -29.52 -16.69
CA ALA A 118 -20.54 -30.38 -16.00
C ALA A 118 -20.04 -30.73 -14.60
N GLY A 119 -20.92 -30.58 -13.61
CA GLY A 119 -20.60 -30.89 -12.24
C GLY A 119 -19.89 -29.80 -11.47
N LEU A 120 -19.56 -28.67 -12.11
CA LEU A 120 -18.93 -27.54 -11.44
C LEU A 120 -20.03 -26.55 -11.07
N ASN A 121 -20.63 -26.76 -9.90
CA ASN A 121 -21.76 -25.94 -9.48
C ASN A 121 -21.35 -25.09 -8.28
N ASN A 122 -22.01 -25.25 -7.14
CA ASN A 122 -21.62 -24.50 -5.96
C ASN A 122 -20.39 -25.17 -5.37
N ILE A 123 -19.25 -24.51 -5.45
CA ILE A 123 -18.01 -25.14 -5.00
C ILE A 123 -17.39 -24.29 -3.90
N GLU A 124 -16.57 -24.95 -3.09
CA GLU A 124 -15.84 -24.30 -2.02
C GLU A 124 -14.40 -24.74 -2.10
N ILE A 125 -13.52 -23.82 -2.49
CA ILE A 125 -12.09 -24.12 -2.53
C ILE A 125 -11.59 -24.25 -1.10
N THR A 126 -10.91 -25.37 -0.83
CA THR A 126 -10.25 -25.56 0.46
C THR A 126 -8.74 -25.43 0.38
N LYS A 127 -8.15 -25.56 -0.82
CA LYS A 127 -6.73 -25.33 -0.97
C LYS A 127 -6.45 -24.93 -2.41
N GLU A 128 -5.65 -23.89 -2.59
CA GLU A 128 -5.05 -23.59 -3.88
C GLU A 128 -3.64 -24.17 -3.87
N LEU A 129 -3.32 -25.03 -4.83
CA LEU A 129 -2.07 -25.78 -4.81
C LEU A 129 -0.89 -24.99 -5.37
N THR A 130 -1.13 -23.79 -5.89
CA THR A 130 -0.10 -22.92 -6.45
C THR A 130 1.14 -22.87 -5.55
N GLU A 131 2.30 -23.09 -6.16
CA GLU A 131 3.57 -22.97 -5.44
C GLU A 131 4.45 -21.92 -6.11
N PHE A 132 5.43 -21.46 -5.33
CA PHE A 132 6.55 -20.63 -5.80
C PHE A 132 7.78 -21.32 -5.23
N ALA A 133 8.39 -22.23 -6.00
CA ALA A 133 9.54 -23.00 -5.52
C ALA A 133 10.81 -22.24 -5.86
N VAL A 134 11.43 -21.63 -4.85
CA VAL A 134 12.59 -20.78 -5.08
C VAL A 134 13.84 -21.65 -5.23
N ASN A 135 14.56 -21.44 -6.32
CA ASN A 135 15.80 -22.16 -6.55
C ASN A 135 16.92 -21.62 -5.65
N ASN A 136 17.74 -22.52 -5.13
CA ASN A 136 18.85 -22.16 -4.22
C ASN A 136 18.37 -21.33 -3.03
N SER A 137 17.27 -21.78 -2.42
CA SER A 137 16.69 -21.03 -1.30
C SER A 137 17.62 -21.00 -0.10
N HIS A 138 18.55 -21.95 0.00
CA HIS A 138 19.45 -22.03 1.15
C HIS A 138 20.47 -20.89 1.18
N THR A 139 20.66 -20.16 0.08
CA THR A 139 21.56 -19.02 0.08
C THR A 139 20.83 -17.70 -0.18
N ALA A 140 19.51 -17.68 -0.15
CA ALA A 140 18.73 -16.48 -0.38
C ALA A 140 18.43 -15.76 0.94
N THR A 141 18.21 -14.45 0.84
CA THR A 141 17.91 -13.58 1.97
C THR A 141 16.54 -12.96 1.77
N ALA A 142 15.72 -12.96 2.81
CA ALA A 142 14.35 -12.46 2.74
C ALA A 142 14.11 -11.35 3.77
N TRP A 143 13.21 -10.43 3.41
CA TRP A 143 12.77 -9.35 4.30
C TRP A 143 11.25 -9.43 4.39
N TRP A 144 10.71 -9.81 5.54
CA TRP A 144 9.32 -10.27 5.55
C TRP A 144 8.64 -9.98 6.88
N ILE A 145 7.30 -9.99 6.84
CA ILE A 145 6.49 -9.94 8.07
C ILE A 145 5.68 -11.23 8.17
N PRO A 146 5.40 -11.70 9.39
CA PRO A 146 4.64 -12.94 9.55
C PRO A 146 3.18 -12.73 9.18
N ALA A 147 2.57 -13.79 8.68
CA ALA A 147 1.14 -13.78 8.38
C ALA A 147 0.38 -14.51 9.48
N ARG A 148 -0.92 -14.22 9.54
CA ARG A 148 -1.86 -14.83 10.48
C ARG A 148 -1.55 -14.47 11.93
N GLY A 149 -0.82 -13.39 12.17
CA GLY A 149 -0.49 -12.98 13.52
C GLY A 149 -1.54 -12.07 14.10
N TRP A 150 -1.44 -11.84 15.40
CA TRP A 150 -2.47 -11.06 16.07
C TRP A 150 -2.50 -9.61 15.60
N ASN A 151 -1.39 -9.10 15.05
CA ASN A 151 -1.34 -7.70 14.62
C ASN A 151 -1.42 -7.50 13.11
N ARG A 152 -1.93 -8.48 12.37
CA ARG A 152 -2.34 -8.29 10.96
C ARG A 152 -1.09 -7.93 10.13
N TYR A 153 -1.08 -6.82 9.40
CA TYR A 153 0.09 -6.41 8.63
C TYR A 153 1.04 -5.53 9.42
N GLU A 154 0.67 -5.16 10.66
CA GLU A 154 1.42 -4.14 11.39
C GLU A 154 2.55 -4.79 12.20
N TYR A 155 3.60 -5.18 11.47
CA TYR A 155 4.80 -5.77 12.05
C TYR A 155 6.02 -5.08 11.44
N VAL A 156 7.12 -5.04 12.20
CA VAL A 156 8.38 -4.65 11.58
C VAL A 156 8.93 -5.83 10.79
N TYR A 157 9.73 -5.53 9.76
CA TYR A 157 10.22 -6.56 8.85
C TYR A 157 11.40 -7.31 9.46
N ASN A 158 11.40 -8.63 9.25
CA ASN A 158 12.50 -9.50 9.64
C ASN A 158 13.48 -9.64 8.49
N THR A 159 14.78 -9.69 8.82
CA THR A 159 15.83 -9.96 7.85
C THR A 159 16.40 -11.33 8.18
N THR A 160 16.10 -12.34 7.34
CA THR A 160 16.54 -13.71 7.67
C THR A 160 16.94 -14.46 6.42
N PRO A 161 17.63 -15.59 6.55
CA PRO A 161 17.69 -16.57 5.44
C PRO A 161 16.28 -16.90 4.95
N LEU A 162 16.15 -17.08 3.64
CA LEU A 162 14.82 -17.37 3.07
C LEU A 162 14.18 -18.61 3.70
N ASN A 163 14.99 -19.61 4.07
CA ASN A 163 14.42 -20.82 4.62
C ASN A 163 13.81 -20.63 6.00
N ASP A 164 14.00 -19.47 6.63
CA ASP A 164 13.40 -19.21 7.94
C ASP A 164 12.06 -18.48 7.84
N ALA A 165 11.61 -18.11 6.63
CA ALA A 165 10.36 -17.38 6.44
C ALA A 165 9.24 -18.40 6.34
N ALA A 166 8.63 -18.73 7.49
CA ALA A 166 7.73 -19.90 7.53
C ALA A 166 6.35 -19.59 6.99
N LEU A 167 5.78 -18.43 7.33
CA LEU A 167 4.40 -18.12 6.98
C LEU A 167 4.32 -16.60 6.90
N VAL A 168 4.16 -16.07 5.69
CA VAL A 168 4.46 -14.66 5.44
C VAL A 168 3.34 -14.01 4.63
N HIS A 169 3.17 -12.71 4.86
CA HIS A 169 2.30 -11.87 4.04
C HIS A 169 3.03 -11.43 2.79
N THR A 170 2.25 -11.00 1.79
CA THR A 170 2.84 -10.43 0.58
C THR A 170 2.54 -8.93 0.55
N PRO A 171 3.35 -8.13 -0.17
CA PRO A 171 4.50 -8.46 -1.03
C PRO A 171 5.63 -9.10 -0.23
N PHE A 172 6.09 -10.25 -0.73
CA PHE A 172 7.13 -11.03 -0.07
C PHE A 172 8.39 -10.91 -0.92
N THR A 173 9.39 -10.18 -0.40
CA THR A 173 10.56 -9.78 -1.17
C THR A 173 11.81 -10.47 -0.66
N PHE A 174 12.64 -10.95 -1.58
CA PHE A 174 13.88 -11.61 -1.20
C PHE A 174 14.87 -11.45 -2.35
N LYS A 175 16.13 -11.82 -2.09
CA LYS A 175 17.14 -11.85 -3.14
C LYS A 175 17.86 -13.18 -3.09
N ASN A 176 18.30 -13.66 -4.26
CA ASN A 176 19.09 -14.88 -4.25
C ASN A 176 20.56 -14.50 -4.22
N GLN A 177 21.43 -15.52 -4.19
CA GLN A 177 22.85 -15.23 -4.00
C GLN A 177 23.46 -14.52 -5.19
N ASP A 178 22.88 -14.68 -6.39
CA ASP A 178 23.27 -13.90 -7.56
C ASP A 178 22.94 -12.42 -7.43
N GLY A 179 22.20 -12.02 -6.41
CA GLY A 179 21.76 -10.64 -6.28
C GLY A 179 20.47 -10.32 -7.01
N VAL A 180 19.85 -11.31 -7.66
CA VAL A 180 18.54 -11.10 -8.28
C VAL A 180 17.50 -10.90 -7.21
N HIS A 181 16.72 -9.82 -7.32
CA HIS A 181 15.65 -9.53 -6.38
C HIS A 181 14.33 -10.04 -6.93
N ILE A 182 13.52 -10.63 -6.06
CA ILE A 182 12.25 -11.23 -6.44
C ILE A 182 11.22 -10.81 -5.40
N SER A 183 9.99 -10.54 -5.85
CA SER A 183 8.92 -10.25 -4.91
C SER A 183 7.64 -10.91 -5.39
N ILE A 184 6.97 -11.62 -4.48
CA ILE A 184 5.74 -12.34 -4.78
C ILE A 184 4.57 -11.59 -4.18
N HIS A 185 3.51 -11.42 -4.96
CA HIS A 185 2.34 -10.68 -4.49
C HIS A 185 1.15 -11.16 -5.31
N GLU A 186 0.07 -10.38 -5.34
CA GLU A 186 -1.07 -10.71 -6.17
C GLU A 186 -1.74 -9.42 -6.64
N ALA A 187 -2.56 -9.54 -7.68
CA ALA A 187 -3.22 -8.37 -8.24
C ALA A 187 -4.69 -8.67 -8.49
N ALA A 188 -5.53 -7.65 -8.30
CA ALA A 188 -6.97 -7.71 -8.54
C ALA A 188 -7.63 -8.76 -7.65
N LEU A 189 -7.44 -8.59 -6.34
CA LEU A 189 -8.02 -9.52 -5.36
C LEU A 189 -9.49 -9.16 -5.19
N VAL A 190 -10.35 -9.88 -5.91
CA VAL A 190 -11.78 -9.61 -6.00
C VAL A 190 -12.53 -10.91 -5.78
N ASP A 191 -13.47 -10.91 -4.83
CA ASP A 191 -14.32 -12.07 -4.55
C ASP A 191 -13.51 -13.35 -4.35
N TYR A 192 -12.45 -13.24 -3.54
CA TYR A 192 -11.55 -14.36 -3.33
C TYR A 192 -10.83 -14.10 -2.02
N ALA A 193 -10.18 -15.14 -1.50
CA ALA A 193 -9.44 -15.05 -0.25
C ALA A 193 -8.00 -14.61 -0.53
N ALA A 194 -7.45 -13.77 0.34
CA ALA A 194 -6.07 -13.35 0.17
C ALA A 194 -5.12 -14.53 0.26
N MET A 195 -4.02 -14.45 -0.47
CA MET A 195 -2.97 -15.46 -0.44
C MET A 195 -1.91 -15.07 0.59
N VAL A 196 -1.65 -15.97 1.51
CA VAL A 196 -0.48 -15.96 2.38
C VAL A 196 0.47 -17.02 1.83
N LEU A 197 1.78 -16.87 2.07
CA LEU A 197 2.74 -17.84 1.56
C LEU A 197 3.23 -18.73 2.69
N ASN A 198 3.13 -20.04 2.50
CA ASN A 198 3.42 -21.03 3.53
C ASN A 198 4.56 -21.89 3.02
N GLN A 199 5.73 -21.77 3.64
CA GLN A 199 6.88 -22.54 3.17
C GLN A 199 6.73 -24.00 3.57
N ARG A 200 6.68 -24.89 2.58
CA ARG A 200 6.48 -26.31 2.85
C ARG A 200 7.84 -27.00 2.89
N ARG A 201 8.17 -27.84 1.90
CA ARG A 201 9.55 -28.27 1.79
C ARG A 201 10.43 -27.04 1.56
N PRO A 202 11.71 -27.11 1.91
CA PRO A 202 12.55 -25.90 1.91
C PRO A 202 12.50 -25.16 0.58
N GLY A 203 12.21 -23.86 0.65
CA GLY A 203 12.11 -23.02 -0.53
C GLY A 203 10.82 -23.13 -1.31
N VAL A 204 9.91 -24.04 -0.95
CA VAL A 204 8.67 -24.24 -1.70
C VAL A 204 7.57 -23.48 -0.97
N PHE A 205 7.22 -22.30 -1.49
CA PHE A 205 6.17 -21.50 -0.87
C PHE A 205 4.83 -21.84 -1.51
N GLN A 206 3.92 -22.39 -0.71
CA GLN A 206 2.61 -22.79 -1.21
C GLN A 206 1.58 -21.72 -0.87
N ALA A 207 0.69 -21.44 -1.82
CA ALA A 207 -0.43 -20.55 -1.55
C ALA A 207 -1.23 -21.07 -0.36
N ASP A 208 -1.52 -20.18 0.58
CA ASP A 208 -2.26 -20.51 1.80
C ASP A 208 -3.38 -19.48 1.88
N LEU A 209 -4.59 -19.85 1.45
CA LEU A 209 -5.68 -18.90 1.32
C LEU A 209 -6.31 -18.63 2.68
N THR A 210 -6.52 -17.36 3.00
CA THR A 210 -7.09 -17.02 4.31
C THR A 210 -8.55 -17.43 4.36
N PRO A 211 -8.95 -18.27 5.31
CA PRO A 211 -10.26 -18.93 5.22
C PRO A 211 -11.39 -18.16 5.91
N TRP A 212 -12.61 -18.58 5.59
CA TRP A 212 -13.79 -18.27 6.38
C TRP A 212 -13.69 -18.93 7.75
N SER A 213 -14.50 -18.42 8.70
CA SER A 213 -14.55 -19.06 10.02
C SER A 213 -15.00 -20.51 9.92
N SER A 214 -15.84 -20.84 8.94
CA SER A 214 -16.30 -22.21 8.74
C SER A 214 -15.18 -23.13 8.28
N GLY A 215 -14.09 -22.59 7.76
CA GLY A 215 -12.92 -23.37 7.41
C GLY A 215 -12.62 -23.43 5.93
N VAL A 216 -13.61 -23.20 5.06
CA VAL A 216 -13.32 -23.18 3.63
C VAL A 216 -12.69 -21.85 3.25
N ALA A 217 -12.00 -21.84 2.10
CA ALA A 217 -11.31 -20.64 1.67
C ALA A 217 -12.17 -19.75 0.78
N VAL A 218 -12.70 -20.30 -0.32
CA VAL A 218 -13.39 -19.48 -1.32
C VAL A 218 -14.67 -20.16 -1.75
N LYS A 219 -15.77 -19.42 -1.71
CA LYS A 219 -17.06 -19.88 -2.20
C LYS A 219 -17.30 -19.33 -3.60
N LYS A 220 -17.57 -20.22 -4.56
CA LYS A 220 -17.88 -19.82 -5.92
C LYS A 220 -19.09 -20.60 -6.42
N GLN A 221 -19.78 -20.05 -7.40
CA GLN A 221 -20.83 -20.77 -8.10
C GLN A 221 -20.46 -20.85 -9.57
N GLY A 222 -20.11 -22.05 -10.04
CA GLY A 222 -19.82 -22.22 -11.44
C GLY A 222 -18.45 -21.70 -11.83
N ALA A 223 -18.32 -21.33 -13.10
CA ALA A 223 -17.04 -20.86 -13.63
C ALA A 223 -16.49 -19.73 -12.76
N PHE A 224 -15.17 -19.75 -12.57
CA PHE A 224 -14.52 -18.70 -11.78
C PHE A 224 -13.09 -18.53 -12.25
N ASN A 225 -12.52 -17.37 -11.92
CA ASN A 225 -11.10 -17.09 -12.08
C ASN A 225 -10.51 -16.81 -10.71
N THR A 226 -9.20 -16.94 -10.59
CA THR A 226 -8.49 -16.46 -9.41
C THR A 226 -7.99 -15.05 -9.65
N PRO A 227 -7.58 -14.34 -8.60
CA PRO A 227 -6.76 -13.15 -8.80
C PRO A 227 -5.45 -13.54 -9.47
N TRP A 228 -4.72 -12.52 -9.93
CA TRP A 228 -3.40 -12.76 -10.48
C TRP A 228 -2.40 -13.05 -9.36
N ARG A 229 -1.52 -14.02 -9.59
CA ARG A 229 -0.34 -14.23 -8.75
C ARG A 229 0.82 -13.56 -9.45
N THR A 230 1.59 -12.74 -8.74
CA THR A 230 2.63 -11.94 -9.38
C THR A 230 4.00 -12.28 -8.84
N ILE A 231 4.98 -12.34 -9.74
CA ILE A 231 6.37 -12.59 -9.41
C ILE A 231 7.19 -11.50 -10.09
N GLN A 232 7.59 -10.50 -9.32
CA GLN A 232 8.50 -9.48 -9.85
C GLN A 232 9.93 -9.99 -9.77
N ILE A 233 10.71 -9.71 -10.81
CA ILE A 233 12.09 -10.18 -10.91
C ILE A 233 12.93 -9.05 -11.47
N GLY A 234 14.04 -8.72 -10.81
CA GLY A 234 14.92 -7.70 -11.34
C GLY A 234 16.35 -7.87 -10.86
N GLU A 235 17.28 -7.31 -11.66
CA GLU A 235 18.69 -7.36 -11.27
C GLU A 235 18.97 -6.51 -10.05
N LYS A 236 18.19 -5.46 -9.83
CA LYS A 236 18.43 -4.49 -8.77
C LYS A 236 17.17 -4.34 -7.94
N ALA A 237 17.37 -3.99 -6.66
CA ALA A 237 16.22 -3.74 -5.81
C ALA A 237 15.27 -2.70 -6.40
N VAL A 238 15.82 -1.60 -6.96
CA VAL A 238 14.93 -0.57 -7.51
C VAL A 238 14.18 -1.05 -8.74
N ASP A 239 14.61 -2.14 -9.39
CA ASP A 239 13.83 -2.65 -10.51
C ASP A 239 12.48 -3.20 -10.03
N LEU A 240 12.41 -3.67 -8.78
CA LEU A 240 11.11 -4.03 -8.22
C LEU A 240 10.24 -2.80 -8.07
N VAL A 241 10.82 -1.71 -7.57
CA VAL A 241 10.06 -0.51 -7.28
C VAL A 241 9.50 0.11 -8.56
N ASN A 242 10.31 0.19 -9.61
CA ASN A 242 9.93 0.93 -10.82
C ASN A 242 9.00 0.15 -11.76
N SER A 243 8.40 -0.95 -11.32
CA SER A 243 7.50 -1.71 -12.16
C SER A 243 6.05 -1.26 -11.97
N ASP A 244 5.27 -1.31 -13.07
CA ASP A 244 3.84 -1.06 -13.04
C ASP A 244 3.02 -2.35 -13.13
N ILE A 245 3.62 -3.50 -12.83
CA ILE A 245 2.95 -4.77 -13.12
C ILE A 245 1.65 -4.89 -12.33
N ILE A 246 1.62 -4.42 -11.07
CA ILE A 246 0.40 -4.58 -10.27
C ILE A 246 -0.76 -3.80 -10.91
N LEU A 247 -0.53 -2.54 -11.25
CA LEU A 247 -1.58 -1.77 -11.92
C LEU A 247 -1.96 -2.40 -13.26
N ASN A 248 -0.97 -2.85 -14.03
CA ASN A 248 -1.25 -3.36 -15.37
C ASN A 248 -2.10 -4.62 -15.35
N LEU A 249 -2.12 -5.33 -14.22
CA LEU A 249 -2.91 -6.56 -14.14
C LEU A 249 -4.33 -6.32 -13.67
N ASN A 250 -4.69 -5.08 -13.35
CA ASN A 250 -6.05 -4.77 -12.92
C ASN A 250 -6.91 -4.29 -14.08
N GLU A 251 -8.22 -4.42 -13.90
N GLU A 251 -8.22 -4.41 -13.91
CA GLU A 251 -9.17 -3.98 -14.91
CA GLU A 251 -9.16 -4.00 -14.94
C GLU A 251 -9.19 -2.46 -14.99
C GLU A 251 -9.24 -2.47 -14.98
N PRO A 252 -9.49 -1.90 -16.17
CA PRO A 252 -9.57 -0.44 -16.29
C PRO A 252 -10.67 0.16 -15.42
N ASN A 253 -10.49 1.45 -15.11
CA ASN A 253 -11.43 2.27 -14.36
C ASN A 253 -12.89 1.97 -14.70
N LYS A 254 -13.67 1.61 -13.68
CA LYS A 254 -15.10 1.36 -13.84
C LYS A 254 -15.98 2.50 -13.33
N LEU A 255 -15.39 3.59 -12.84
CA LEU A 255 -16.16 4.66 -12.21
C LEU A 255 -16.36 5.88 -13.12
N GLY A 256 -15.92 5.81 -14.37
CA GLY A 256 -16.16 6.93 -15.27
C GLY A 256 -15.35 8.15 -14.87
N ASP A 257 -15.98 9.32 -14.95
CA ASP A 257 -15.35 10.57 -14.56
C ASP A 257 -15.03 10.55 -13.07
N VAL A 258 -13.75 10.56 -12.72
CA VAL A 258 -13.37 10.54 -11.31
C VAL A 258 -12.60 11.82 -10.98
N SER A 259 -12.94 12.91 -11.66
CA SER A 259 -12.33 14.20 -11.34
C SER A 259 -12.68 14.67 -9.92
N TRP A 260 -13.69 14.07 -9.30
CA TRP A 260 -14.05 14.39 -7.92
C TRP A 260 -13.13 13.76 -6.89
N VAL A 261 -12.20 12.91 -7.32
CA VAL A 261 -11.15 12.39 -6.44
C VAL A 261 -9.98 13.36 -6.51
N LYS A 262 -9.62 13.95 -5.37
CA LYS A 262 -8.66 15.05 -5.30
C LYS A 262 -7.43 14.68 -4.48
N PRO A 263 -6.30 14.38 -5.11
CA PRO A 263 -5.05 14.22 -4.34
C PRO A 263 -4.73 15.52 -3.62
N GLY A 264 -4.10 15.42 -2.45
CA GLY A 264 -3.74 16.61 -1.73
C GLY A 264 -3.16 16.28 -0.37
N LYS A 265 -2.90 17.32 0.41
CA LYS A 265 -2.33 17.18 1.74
C LYS A 265 -3.37 17.51 2.79
N TYR A 266 -3.26 16.88 3.96
CA TYR A 266 -4.23 17.12 5.01
C TYR A 266 -3.55 17.13 6.37
N ILE A 267 -4.26 17.71 7.34
CA ILE A 267 -3.86 17.64 8.74
C ILE A 267 -5.00 17.00 9.51
N GLY A 268 -4.85 16.86 10.82
CA GLY A 268 -5.94 16.23 11.53
C GLY A 268 -5.88 16.34 13.02
N ILE A 269 -7.06 16.38 13.65
CA ILE A 269 -7.17 16.12 15.08
C ILE A 269 -6.99 14.63 15.23
N TRP A 270 -5.78 14.22 15.60
CA TRP A 270 -5.33 12.84 15.42
C TRP A 270 -4.13 12.52 16.31
N TRP A 271 -2.97 13.12 16.01
CA TRP A 271 -1.75 12.82 16.75
C TRP A 271 -1.90 13.12 18.24
N GLY A 272 -2.64 14.18 18.57
CA GLY A 272 -2.86 14.51 19.97
C GLY A 272 -3.46 13.37 20.76
N MET A 273 -4.35 12.59 20.14
CA MET A 273 -4.87 11.41 20.84
C MET A 273 -3.80 10.34 20.97
N HIS A 274 -2.95 10.18 19.94
CA HIS A 274 -1.92 9.15 20.01
C HIS A 274 -0.84 9.48 21.03
N ILE A 275 -0.56 10.77 21.28
CA ILE A 275 0.40 11.14 22.30
C ILE A 275 -0.27 11.59 23.60
N ASN A 276 -1.58 11.38 23.70
CA ASN A 276 -2.34 11.53 24.95
C ASN A 276 -2.45 12.98 25.41
N THR A 277 -2.38 13.94 24.50
CA THR A 277 -2.81 15.28 24.88
C THR A 277 -4.31 15.46 24.72
N HIS A 278 -4.96 14.58 23.97
CA HIS A 278 -6.40 14.59 23.79
C HIS A 278 -6.94 13.18 23.91
N THR A 279 -8.26 13.08 24.04
CA THR A 279 -8.95 11.80 24.04
C THR A 279 -9.89 11.71 22.84
N TRP A 280 -10.14 10.48 22.40
CA TRP A 280 -11.18 10.25 21.41
C TRP A 280 -12.55 10.40 22.04
N GLY A 281 -12.72 9.91 23.27
CA GLY A 281 -13.98 10.00 23.95
C GLY A 281 -14.21 11.36 24.55
N SER A 282 -15.43 11.58 25.05
CA SER A 282 -15.82 12.89 25.52
C SER A 282 -15.10 13.24 26.83
N GLY A 283 -15.09 14.52 27.15
CA GLY A 283 -14.49 14.97 28.39
C GLY A 283 -13.65 16.21 28.17
N ASP A 284 -12.93 16.58 29.24
CA ASP A 284 -12.15 17.82 29.25
C ASP A 284 -11.05 17.85 28.20
N LYS A 285 -10.61 16.69 27.71
CA LYS A 285 -9.52 16.63 26.74
C LYS A 285 -10.00 16.14 25.38
N HIS A 286 -11.31 16.13 25.15
CA HIS A 286 -11.85 15.61 23.89
C HIS A 286 -11.26 16.36 22.70
N GLY A 287 -10.72 15.60 21.74
CA GLY A 287 -10.12 16.25 20.58
C GLY A 287 -11.15 16.86 19.64
N ALA A 288 -12.22 16.10 19.34
CA ALA A 288 -13.15 16.44 18.27
C ALA A 288 -14.23 17.40 18.78
N THR A 289 -13.85 18.67 18.92
CA THR A 289 -14.81 19.71 19.25
C THR A 289 -14.92 20.69 18.09
N THR A 290 -16.04 21.41 18.07
CA THR A 290 -16.23 22.46 17.07
C THR A 290 -15.08 23.46 17.11
N LYS A 291 -14.73 23.93 18.31
CA LYS A 291 -13.67 24.91 18.46
C LYS A 291 -12.34 24.38 17.94
N ASN A 292 -11.97 23.16 18.32
N ASN A 292 -11.99 23.15 18.31
CA ASN A 292 -10.71 22.58 17.86
CA ASN A 292 -10.72 22.58 17.87
C ASN A 292 -10.72 22.40 16.35
C ASN A 292 -10.71 22.37 16.36
N THR A 293 -11.83 21.92 15.80
CA THR A 293 -11.88 21.68 14.36
C THR A 293 -11.74 22.99 13.59
N LYS A 294 -12.39 24.05 14.06
CA LYS A 294 -12.27 25.34 13.39
C LYS A 294 -10.84 25.86 13.46
N TYR A 295 -10.16 25.62 14.59
CA TYR A 295 -8.76 26.04 14.72
C TYR A 295 -7.89 25.31 13.70
N TYR A 296 -8.11 24.00 13.52
CA TYR A 296 -7.34 23.26 12.52
C TYR A 296 -7.69 23.73 11.10
N MET A 297 -8.97 24.03 10.84
CA MET A 297 -9.35 24.49 9.51
C MET A 297 -8.70 25.83 9.18
N ASP A 298 -8.63 26.72 10.18
CA ASP A 298 -7.94 28.00 9.98
C ASP A 298 -6.49 27.77 9.61
N PHE A 299 -5.82 26.87 10.32
CA PHE A 299 -4.43 26.55 10.02
C PHE A 299 -4.30 25.97 8.62
N ALA A 300 -5.17 25.01 8.28
CA ALA A 300 -5.13 24.40 6.96
C ALA A 300 -5.33 25.45 5.86
N ALA A 301 -6.27 26.37 6.06
CA ALA A 301 -6.51 27.40 5.05
C ALA A 301 -5.29 28.30 4.89
N LYS A 302 -4.62 28.63 5.99
CA LYS A 302 -3.50 29.55 5.90
C LYS A 302 -2.27 28.90 5.25
N TYR A 303 -2.07 27.61 5.48
CA TYR A 303 -0.82 26.97 5.08
C TYR A 303 -0.96 25.99 3.91
N GLY A 304 -2.14 25.92 3.30
CA GLY A 304 -2.27 25.20 2.05
C GLY A 304 -2.62 23.73 2.16
N PHE A 305 -3.47 23.36 3.12
CA PHE A 305 -3.91 21.98 3.26
C PHE A 305 -5.38 21.87 2.89
N ASP A 306 -5.73 20.77 2.22
CA ASP A 306 -7.06 20.63 1.62
C ASP A 306 -8.13 20.24 2.63
N GLY A 307 -7.76 19.53 3.70
CA GLY A 307 -8.77 18.98 4.58
C GLY A 307 -8.24 18.76 5.97
N VAL A 308 -9.17 18.54 6.90
CA VAL A 308 -8.87 18.26 8.30
C VAL A 308 -9.57 16.95 8.66
N LEU A 309 -8.80 15.91 8.95
CA LEU A 309 -9.33 14.70 9.54
C LEU A 309 -9.66 14.95 11.01
N VAL A 310 -10.82 14.46 11.46
CA VAL A 310 -11.19 14.55 12.86
C VAL A 310 -11.68 13.20 13.33
N GLU A 311 -10.98 12.60 14.30
CA GLU A 311 -11.37 11.34 14.90
C GLU A 311 -11.99 11.57 16.27
N GLY A 312 -12.97 10.75 16.61
CA GLY A 312 -13.68 10.91 17.86
C GLY A 312 -14.87 11.84 17.79
N TRP A 313 -15.39 12.10 16.60
CA TRP A 313 -16.50 13.03 16.43
C TRP A 313 -17.84 12.40 16.74
N ASN A 314 -17.95 11.07 16.63
CA ASN A 314 -19.20 10.35 16.70
C ASN A 314 -19.31 9.61 18.03
N THR A 315 -20.54 9.40 18.51
CA THR A 315 -20.71 8.73 19.79
C THR A 315 -20.26 7.28 19.71
N GLY A 316 -19.70 6.80 20.82
CA GLY A 316 -19.26 5.42 20.91
C GLY A 316 -17.82 5.25 21.36
N TRP A 317 -17.07 6.35 21.47
CA TRP A 317 -15.67 6.26 21.86
C TRP A 317 -15.46 6.24 23.36
N ASP A 318 -16.48 6.57 24.16
CA ASP A 318 -16.26 6.68 25.59
C ASP A 318 -15.90 5.33 26.20
N GLY A 319 -14.97 5.35 27.14
CA GLY A 319 -14.54 4.16 27.83
C GLY A 319 -13.29 3.58 27.22
N ASP A 320 -13.38 2.35 26.73
CA ASP A 320 -12.27 1.70 26.04
C ASP A 320 -12.75 1.43 24.62
N TRP A 321 -12.41 2.32 23.68
CA TRP A 321 -13.04 2.27 22.36
C TRP A 321 -12.68 0.98 21.61
N PHE A 322 -11.55 0.34 21.95
N PHE A 322 -11.54 0.35 21.94
CA PHE A 322 -11.19 -0.94 21.32
CA PHE A 322 -11.19 -0.92 21.34
C PHE A 322 -12.30 -1.97 21.48
C PHE A 322 -12.33 -1.93 21.45
N PHE A 323 -13.13 -1.84 22.50
CA PHE A 323 -14.20 -2.79 22.79
C PHE A 323 -15.58 -2.28 22.42
N ASN A 324 -15.68 -1.15 21.73
CA ASN A 324 -16.97 -0.50 21.51
C ASN A 324 -17.51 -0.71 20.11
N GLY A 325 -17.03 -1.72 19.37
CA GLY A 325 -17.47 -1.92 18.00
C GLY A 325 -18.98 -2.06 17.87
N ASP A 326 -19.65 -2.60 18.89
CA ASP A 326 -21.10 -2.78 18.81
C ASP A 326 -21.87 -1.48 18.93
N VAL A 327 -21.29 -0.44 19.52
CA VAL A 327 -22.07 0.73 19.92
C VAL A 327 -21.73 2.00 19.16
N PHE A 328 -20.71 1.99 18.29
CA PHE A 328 -20.42 3.16 17.47
C PHE A 328 -21.66 3.57 16.67
N SER A 329 -21.98 4.86 16.70
CA SER A 329 -22.90 5.45 15.74
C SER A 329 -22.10 6.12 14.64
N PHE A 330 -22.53 5.95 13.40
CA PHE A 330 -21.87 6.60 12.29
C PHE A 330 -22.69 7.75 11.72
N THR A 331 -23.72 8.17 12.45
CA THR A 331 -24.49 9.36 12.08
C THR A 331 -24.61 10.38 13.20
N GLN A 332 -24.41 9.99 14.47
CA GLN A 332 -24.72 10.87 15.59
C GLN A 332 -23.44 11.43 16.18
N PRO A 333 -23.14 12.72 15.98
CA PRO A 333 -21.96 13.31 16.63
C PRO A 333 -22.17 13.50 18.11
N TYR A 334 -21.04 13.58 18.83
CA TYR A 334 -21.07 14.10 20.19
C TYR A 334 -21.68 15.50 20.22
N ASP A 335 -22.18 15.88 21.39
CA ASP A 335 -22.80 17.19 21.54
C ASP A 335 -21.83 18.34 21.33
N ASP A 336 -20.53 18.12 21.47
CA ASP A 336 -19.58 19.22 21.30
C ASP A 336 -19.00 19.26 19.90
N PHE A 337 -19.56 18.50 18.96
CA PHE A 337 -19.13 18.48 17.57
C PHE A 337 -20.33 18.87 16.71
N ASP A 338 -20.35 20.13 16.25
CA ASP A 338 -21.50 20.70 15.54
C ASP A 338 -21.24 20.56 14.04
N ILE A 339 -21.77 19.49 13.45
N ILE A 339 -21.72 19.45 13.46
CA ILE A 339 -21.38 19.17 12.07
CA ILE A 339 -21.44 19.16 12.06
C ILE A 339 -21.99 20.15 11.07
C ILE A 339 -21.91 20.30 11.18
N ALA A 340 -23.16 20.74 11.39
CA ALA A 340 -23.74 21.75 10.51
C ALA A 340 -22.92 23.03 10.53
N ALA A 341 -22.47 23.44 11.72
CA ALA A 341 -21.59 24.60 11.82
C ALA A 341 -20.28 24.37 11.08
N LEU A 342 -19.70 23.18 11.22
CA LEU A 342 -18.44 22.89 10.55
C LEU A 342 -18.62 22.75 9.04
N THR A 343 -19.80 22.28 8.60
CA THR A 343 -20.10 22.28 7.17
C THR A 343 -20.08 23.70 6.61
N LYS A 344 -20.72 24.63 7.32
CA LYS A 344 -20.67 26.03 6.89
C LYS A 344 -19.24 26.56 6.92
N TYR A 345 -18.50 26.22 7.97
CA TYR A 345 -17.13 26.70 8.07
C TYR A 345 -16.25 26.12 6.97
N SER A 346 -16.53 24.88 6.53
N SER A 346 -16.53 24.89 6.53
CA SER A 346 -15.78 24.30 5.42
CA SER A 346 -15.76 24.31 5.42
C SER A 346 -15.96 25.11 4.15
C SER A 346 -15.95 25.11 4.14
N LYS A 347 -17.18 25.57 3.89
CA LYS A 347 -17.42 26.39 2.71
C LYS A 347 -16.77 27.76 2.85
N GLN A 348 -16.81 28.34 4.05
CA GLN A 348 -16.17 29.64 4.27
C GLN A 348 -14.67 29.57 4.04
N THR A 349 -14.02 28.56 4.61
CA THR A 349 -12.57 28.47 4.60
C THR A 349 -12.02 27.77 3.38
N GLY A 350 -12.84 27.01 2.65
CA GLY A 350 -12.34 26.19 1.57
C GLY A 350 -11.60 24.96 2.01
N VAL A 351 -11.60 24.65 3.30
CA VAL A 351 -10.95 23.47 3.85
C VAL A 351 -12.02 22.44 4.15
N GLN A 352 -11.82 21.21 3.72
CA GLN A 352 -12.89 20.23 3.93
C GLN A 352 -12.68 19.45 5.21
N LEU A 353 -13.80 19.01 5.79
CA LEU A 353 -13.75 18.00 6.82
C LEU A 353 -13.51 16.64 6.18
N ILE A 354 -12.57 15.88 6.72
CA ILE A 354 -12.32 14.51 6.29
C ILE A 354 -13.01 13.60 7.30
N GLY A 355 -13.89 12.72 6.81
CA GLY A 355 -14.68 11.89 7.70
C GLY A 355 -13.90 10.73 8.27
N HIS A 356 -14.49 10.08 9.27
CA HIS A 356 -13.80 9.00 9.97
C HIS A 356 -14.83 7.99 10.47
N HIS A 357 -14.64 6.74 10.07
CA HIS A 357 -15.51 5.62 10.43
C HIS A 357 -14.64 4.51 11.01
N GLU A 358 -14.41 4.53 12.33
CA GLU A 358 -13.76 3.41 13.00
C GLU A 358 -14.81 2.40 13.42
N THR A 359 -14.59 1.13 13.09
CA THR A 359 -15.54 0.08 13.41
C THR A 359 -15.16 -0.73 14.64
N SER A 360 -13.91 -0.64 15.09
CA SER A 360 -13.35 -1.56 16.09
C SER A 360 -13.70 -3.01 15.76
N GLY A 361 -13.69 -3.33 14.46
CA GLY A 361 -13.83 -4.68 14.01
C GLY A 361 -15.25 -5.16 13.78
N ASN A 362 -16.27 -4.42 14.23
CA ASN A 362 -17.64 -4.90 14.05
C ASN A 362 -18.16 -4.36 12.72
N VAL A 363 -18.07 -5.18 11.68
CA VAL A 363 -18.42 -4.69 10.35
C VAL A 363 -19.92 -4.74 10.10
N SER A 364 -20.67 -5.52 10.88
CA SER A 364 -22.11 -5.54 10.68
C SER A 364 -22.77 -4.28 11.23
N ASN A 365 -22.29 -3.79 12.38
CA ASN A 365 -22.78 -2.53 12.92
C ASN A 365 -22.47 -1.38 11.96
N TYR A 366 -21.33 -1.43 11.30
CA TYR A 366 -21.01 -0.41 10.29
C TYR A 366 -21.90 -0.58 9.06
N ARG A 367 -22.01 -1.81 8.56
CA ARG A 367 -22.77 -2.06 7.34
C ARG A 367 -24.21 -1.58 7.47
N LYS A 368 -24.83 -1.80 8.63
CA LYS A 368 -26.23 -1.42 8.77
C LYS A 368 -26.41 0.09 8.76
N GLN A 369 -25.38 0.86 9.14
CA GLN A 369 -25.47 2.31 9.18
C GLN A 369 -24.80 2.99 7.99
N MET A 370 -24.19 2.21 7.10
CA MET A 370 -23.26 2.77 6.12
C MET A 370 -23.97 3.72 5.16
N ALA A 371 -25.17 3.35 4.69
CA ALA A 371 -25.87 4.22 3.74
C ALA A 371 -26.22 5.56 4.39
N ASP A 372 -26.73 5.53 5.63
CA ASP A 372 -27.03 6.77 6.33
C ASP A 372 -25.77 7.57 6.62
N ALA A 373 -24.66 6.88 6.92
CA ALA A 373 -23.41 7.58 7.24
C ALA A 373 -22.89 8.34 6.03
N PHE A 374 -22.91 7.72 4.85
CA PHE A 374 -22.41 8.40 3.66
C PHE A 374 -23.36 9.48 3.19
N ALA A 375 -24.67 9.27 3.36
CA ALA A 375 -25.62 10.34 3.05
C ALA A 375 -25.36 11.57 3.91
N LEU A 376 -25.08 11.37 5.21
CA LEU A 376 -24.75 12.48 6.08
C LEU A 376 -23.50 13.20 5.59
N TYR A 377 -22.47 12.43 5.23
CA TYR A 377 -21.23 13.03 4.79
C TYR A 377 -21.41 13.75 3.45
N GLU A 378 -22.16 13.16 2.52
CA GLU A 378 -22.41 13.84 1.25
C GLU A 378 -23.14 15.16 1.49
N LYS A 379 -24.17 15.13 2.36
CA LYS A 379 -24.88 16.35 2.73
C LYS A 379 -23.94 17.35 3.40
N SER A 380 -22.90 16.88 4.07
CA SER A 380 -22.00 17.75 4.82
C SER A 380 -20.76 18.17 4.04
N ASN A 381 -20.74 17.98 2.71
CA ASN A 381 -19.60 18.41 1.90
C ASN A 381 -18.31 17.64 2.27
N VAL A 382 -18.45 16.38 2.68
CA VAL A 382 -17.29 15.52 3.00
C VAL A 382 -16.99 14.67 1.78
N SER A 383 -15.76 14.77 1.25
CA SER A 383 -15.35 14.05 0.05
C SER A 383 -14.40 12.89 0.29
N GLN A 384 -13.75 12.82 1.46
CA GLN A 384 -12.83 11.73 1.79
C GLN A 384 -13.18 11.22 3.17
N VAL A 385 -13.09 9.90 3.35
CA VAL A 385 -13.39 9.25 4.63
C VAL A 385 -12.28 8.26 4.93
N LYS A 386 -11.73 8.33 6.14
CA LYS A 386 -10.80 7.35 6.67
C LYS A 386 -11.62 6.29 7.41
N THR A 387 -11.46 5.03 7.04
CA THR A 387 -12.13 3.93 7.71
C THR A 387 -11.14 3.14 8.56
N GLY A 388 -11.66 2.36 9.49
CA GLY A 388 -10.80 1.65 10.42
C GLY A 388 -11.45 0.36 10.86
N TYR A 389 -10.62 -0.66 11.08
CA TYR A 389 -11.11 -2.00 11.42
C TYR A 389 -10.25 -2.57 12.55
N VAL A 390 -10.16 -1.86 13.66
CA VAL A 390 -9.22 -2.26 14.72
C VAL A 390 -9.78 -3.49 15.45
N ALA A 391 -9.10 -4.62 15.29
CA ALA A 391 -9.36 -5.87 16.00
C ALA A 391 -8.17 -6.78 15.72
N ASP A 392 -7.92 -7.70 16.65
CA ASP A 392 -6.81 -8.63 16.45
C ASP A 392 -7.05 -9.50 15.21
N GLY A 393 -5.95 -10.05 14.70
CA GLY A 393 -6.02 -11.00 13.59
C GLY A 393 -7.09 -12.06 13.81
N GLY A 394 -7.93 -12.30 12.80
CA GLY A 394 -8.99 -13.28 12.91
C GLY A 394 -10.18 -12.87 13.75
N ASN A 395 -10.27 -11.60 14.17
CA ASN A 395 -11.34 -11.20 15.08
C ASN A 395 -12.21 -10.06 14.54
N ILE A 396 -12.30 -9.94 13.22
CA ILE A 396 -13.43 -9.23 12.64
C ILE A 396 -14.71 -9.87 13.18
N LYS A 397 -15.67 -9.04 13.58
CA LYS A 397 -16.96 -9.54 14.06
C LYS A 397 -18.03 -9.24 13.02
N ARG A 398 -18.74 -10.28 12.58
CA ARG A 398 -19.94 -10.11 11.78
C ARG A 398 -21.09 -10.85 12.45
N ILE A 399 -22.31 -10.42 12.13
CA ILE A 399 -23.52 -11.08 12.57
C ILE A 399 -24.12 -11.78 11.36
N ASP A 400 -24.30 -13.10 11.44
CA ASP A 400 -24.77 -13.81 10.26
C ASP A 400 -26.29 -13.68 10.13
N LYS A 401 -26.84 -14.31 9.08
CA LYS A 401 -28.26 -14.17 8.75
C LYS A 401 -29.17 -14.60 9.89
N ASN A 402 -28.69 -15.47 10.79
CA ASN A 402 -29.48 -15.94 11.91
C ASN A 402 -29.18 -15.18 13.19
N GLY A 403 -28.50 -14.05 13.10
CA GLY A 403 -28.20 -13.27 14.28
C GLY A 403 -27.08 -13.82 15.14
N ILE A 404 -26.25 -14.71 14.60
CA ILE A 404 -25.17 -15.32 15.38
C ILE A 404 -23.85 -14.64 15.00
N ALA A 405 -23.08 -14.27 16.01
CA ALA A 405 -21.78 -13.64 15.78
C ALA A 405 -20.77 -14.65 15.26
N ARG A 406 -19.98 -14.23 14.28
CA ARG A 406 -18.87 -15.01 13.74
C ARG A 406 -17.63 -14.15 13.72
N HIS A 407 -16.48 -14.78 13.89
CA HIS A 407 -15.20 -14.09 13.76
C HIS A 407 -14.56 -14.43 12.42
N GLU A 408 -14.06 -13.40 11.73
CA GLU A 408 -13.46 -13.57 10.42
C GLU A 408 -12.11 -12.87 10.40
N TRP A 409 -11.32 -13.21 9.37
CA TRP A 409 -10.05 -12.55 9.10
C TRP A 409 -10.26 -11.29 8.27
N HIS A 410 -9.39 -10.30 8.49
CA HIS A 410 -9.40 -9.10 7.65
C HIS A 410 -9.14 -9.42 6.19
N ASP A 411 -8.48 -10.54 5.89
CA ASP A 411 -8.07 -10.82 4.51
C ASP A 411 -8.71 -12.08 3.93
N GLY A 412 -9.82 -12.54 4.52
CA GLY A 412 -10.60 -13.59 3.89
C GLY A 412 -11.53 -13.05 2.80
N GLN A 413 -12.15 -13.98 2.07
CA GLN A 413 -13.10 -13.58 1.02
C GLN A 413 -14.21 -12.69 1.57
N PHE A 414 -14.72 -13.01 2.76
CA PHE A 414 -15.79 -12.18 3.33
C PHE A 414 -15.36 -10.72 3.43
N MET A 415 -14.20 -10.46 4.03
CA MET A 415 -13.78 -9.07 4.23
C MET A 415 -13.33 -8.45 2.91
N VAL A 416 -12.68 -9.23 2.04
CA VAL A 416 -12.34 -8.71 0.70
C VAL A 416 -13.57 -8.10 0.05
N ASN A 417 -14.70 -8.82 0.12
CA ASN A 417 -15.93 -8.31 -0.44
C ASN A 417 -16.50 -7.16 0.38
N GLU A 418 -16.33 -7.20 1.70
CA GLU A 418 -16.82 -6.15 2.58
C GLU A 418 -16.12 -4.82 2.29
N TYR A 419 -14.80 -4.85 2.11
CA TYR A 419 -14.08 -3.61 1.80
C TYR A 419 -14.57 -3.01 0.48
N LEU A 420 -14.69 -3.85 -0.55
CA LEU A 420 -15.07 -3.32 -1.85
C LEU A 420 -16.49 -2.78 -1.84
N HIS A 421 -17.39 -3.39 -1.06
CA HIS A 421 -18.73 -2.84 -0.94
C HIS A 421 -18.67 -1.41 -0.40
N ASN A 422 -17.85 -1.20 0.63
CA ASN A 422 -17.70 0.13 1.23
C ASN A 422 -17.18 1.13 0.19
N VAL A 423 -16.16 0.74 -0.58
CA VAL A 423 -15.59 1.62 -1.59
C VAL A 423 -16.59 1.93 -2.69
N LYS A 424 -17.33 0.92 -3.16
CA LYS A 424 -18.29 1.15 -4.23
C LYS A 424 -19.45 2.01 -3.75
N LEU A 425 -19.93 1.77 -2.52
CA LEU A 425 -20.99 2.62 -1.99
C LEU A 425 -20.50 4.05 -1.79
N ALA A 426 -19.27 4.22 -1.29
CA ALA A 426 -18.70 5.55 -1.16
C ALA A 426 -18.65 6.27 -2.50
N ALA A 427 -18.29 5.55 -3.56
CA ALA A 427 -18.20 6.16 -4.88
C ALA A 427 -19.54 6.71 -5.35
N LYS A 428 -20.64 6.06 -4.98
CA LYS A 428 -21.95 6.60 -5.34
C LYS A 428 -22.22 7.95 -4.69
N HIS A 429 -21.51 8.27 -3.60
CA HIS A 429 -21.62 9.55 -2.91
C HIS A 429 -20.48 10.50 -3.26
N LYS A 430 -19.67 10.16 -4.27
CA LYS A 430 -18.46 10.89 -4.62
C LYS A 430 -17.54 11.05 -3.42
N ILE A 431 -17.37 9.96 -2.66
CA ILE A 431 -16.49 9.92 -1.50
C ILE A 431 -15.35 8.95 -1.79
N SER A 432 -14.12 9.36 -1.47
CA SER A 432 -12.93 8.53 -1.56
C SER A 432 -12.60 7.95 -0.19
N ILE A 433 -11.95 6.78 -0.20
CA ILE A 433 -11.77 5.96 1.00
C ILE A 433 -10.28 5.76 1.26
N ASN A 434 -9.88 5.99 2.51
CA ASN A 434 -8.54 5.72 3.03
C ASN A 434 -8.71 4.65 4.11
N THR A 435 -8.31 3.42 3.83
CA THR A 435 -8.64 2.28 4.69
C THR A 435 -7.50 1.96 5.63
N HIS A 436 -7.74 2.07 6.94
CA HIS A 436 -6.80 1.54 7.92
C HIS A 436 -7.26 0.16 8.39
N GLU A 437 -6.29 -0.66 8.81
CA GLU A 437 -6.47 -2.10 8.98
C GLU A 437 -7.19 -2.68 7.76
N PRO A 438 -6.58 -2.58 6.57
CA PRO A 438 -7.26 -2.92 5.32
C PRO A 438 -6.94 -4.33 4.87
N ILE A 439 -7.48 -4.70 3.72
CA ILE A 439 -6.86 -5.72 2.89
C ILE A 439 -5.66 -5.09 2.20
N LYS A 440 -4.60 -5.87 1.99
CA LYS A 440 -3.44 -5.37 1.28
C LYS A 440 -3.83 -4.84 -0.09
N ASP A 441 -3.07 -3.86 -0.57
CA ASP A 441 -3.29 -3.26 -1.87
C ASP A 441 -2.94 -4.27 -2.96
N THR A 442 -3.86 -4.48 -3.91
CA THR A 442 -3.57 -5.36 -5.04
C THR A 442 -3.83 -4.65 -6.36
N GLY A 443 -3.80 -3.31 -6.36
CA GLY A 443 -3.92 -2.52 -7.57
C GLY A 443 -5.33 -2.11 -7.93
N LEU A 444 -6.31 -2.32 -7.06
CA LEU A 444 -7.70 -2.04 -7.41
C LEU A 444 -7.99 -0.55 -7.56
N ARG A 445 -7.09 0.34 -7.10
CA ARG A 445 -7.25 1.76 -7.38
C ARG A 445 -7.34 2.06 -8.88
N ARG A 446 -6.79 1.19 -9.73
CA ARG A 446 -6.97 1.40 -11.17
C ARG A 446 -8.44 1.28 -11.54
N THR A 447 -9.10 0.23 -11.03
CA THR A 447 -10.49 -0.06 -11.35
C THR A 447 -11.45 0.85 -10.62
N TYR A 448 -11.12 1.20 -9.37
CA TYR A 448 -11.95 2.04 -8.50
C TYR A 448 -11.08 3.16 -7.98
N PRO A 449 -10.92 4.23 -8.77
CA PRO A 449 -9.96 5.28 -8.40
C PRO A 449 -10.33 6.10 -7.17
N ASN A 450 -11.47 5.84 -6.52
CA ASN A 450 -11.71 6.50 -5.25
C ASN A 450 -11.12 5.74 -4.06
N TRP A 451 -10.53 4.56 -4.30
CA TRP A 451 -9.82 3.84 -3.25
C TRP A 451 -8.39 4.36 -3.23
N ILE A 452 -8.21 5.50 -2.56
CA ILE A 452 -7.02 6.30 -2.83
C ILE A 452 -5.80 5.83 -2.06
N THR A 453 -5.96 5.28 -0.86
CA THR A 453 -4.79 4.87 -0.09
C THR A 453 -5.25 3.94 1.03
N ARG A 454 -4.28 3.40 1.76
CA ARG A 454 -4.58 2.55 2.89
C ARG A 454 -3.35 2.48 3.79
N GLU A 455 -3.54 1.91 4.98
CA GLU A 455 -2.41 1.71 5.88
C GLU A 455 -1.83 0.32 5.62
N GLY A 456 -2.19 -0.68 6.43
CA GLY A 456 -1.75 -2.04 6.11
C GLY A 456 -0.25 -2.29 6.29
N ALA A 457 0.34 -1.66 7.30
CA ALA A 457 1.76 -1.71 7.67
C ALA A 457 1.89 -0.79 8.88
N ARG A 458 3.02 -0.91 9.58
CA ARG A 458 3.29 0.02 10.66
C ARG A 458 3.63 1.39 10.10
N GLY A 459 2.81 2.39 10.43
CA GLY A 459 3.08 3.77 10.09
C GLY A 459 3.53 4.59 11.28
N GLN A 460 3.37 5.92 11.15
CA GLN A 460 3.86 6.86 12.15
C GLN A 460 3.26 6.61 13.53
N GLU A 461 2.02 6.10 13.60
CA GLU A 461 1.37 5.94 14.90
C GLU A 461 2.17 5.04 15.83
N PHE A 462 2.87 4.04 15.30
CA PHE A 462 3.67 3.19 16.18
C PHE A 462 4.86 3.92 16.78
N ASN A 463 5.18 5.11 16.28
CA ASN A 463 6.23 5.91 16.89
C ASN A 463 5.73 6.73 18.06
N ALA A 464 4.43 6.75 18.30
CA ALA A 464 3.89 7.39 19.49
C ALA A 464 3.87 6.46 20.70
N TRP A 465 3.66 5.15 20.48
CA TRP A 465 3.45 4.24 21.60
C TRP A 465 3.95 2.81 21.34
N GLY A 466 4.71 2.55 20.26
CA GLY A 466 4.90 1.18 19.81
C GLY A 466 5.57 0.28 20.83
N THR A 467 6.52 0.83 21.59
CA THR A 467 7.23 0.08 22.64
C THR A 467 7.75 -1.29 22.18
N PRO A 468 8.70 -1.30 21.23
CA PRO A 468 9.42 -0.16 20.67
C PRO A 468 8.75 0.49 19.47
N PRO A 469 9.16 1.72 19.17
CA PRO A 469 8.72 2.39 17.95
C PRO A 469 9.35 1.75 16.71
N ASN A 470 9.02 2.26 15.53
CA ASN A 470 9.63 1.72 14.32
C ASN A 470 11.13 1.92 14.37
N PRO A 471 11.93 0.94 13.91
CA PRO A 471 13.38 1.09 13.93
C PRO A 471 13.86 1.98 12.80
N PRO A 472 15.09 2.49 12.88
CA PRO A 472 15.63 3.29 11.78
C PRO A 472 15.49 2.66 10.41
N GLU A 473 15.60 1.33 10.28
CA GLU A 473 15.54 0.69 8.97
C GLU A 473 14.13 0.58 8.40
N HIS A 474 13.11 0.98 9.15
CA HIS A 474 11.73 0.66 8.78
C HIS A 474 11.35 1.23 7.41
N ILE A 475 11.65 2.51 7.16
CA ILE A 475 11.25 3.09 5.88
C ILE A 475 11.93 2.36 4.72
N SER A 476 13.23 2.06 4.85
CA SER A 476 13.93 1.38 3.77
C SER A 476 13.50 -0.07 3.64
N MET A 477 12.79 -0.62 4.64
CA MET A 477 12.11 -1.90 4.46
C MET A 477 10.81 -1.71 3.70
N LEU A 478 9.96 -0.79 4.16
CA LEU A 478 8.68 -0.53 3.52
C LEU A 478 8.83 -0.32 2.03
N ALA A 479 9.85 0.44 1.63
CA ALA A 479 9.99 0.86 0.24
C ALA A 479 10.11 -0.31 -0.72
N PHE A 480 10.60 -1.47 -0.25
CA PHE A 480 10.80 -2.63 -1.12
C PHE A 480 9.89 -3.79 -0.75
N THR A 481 8.93 -3.56 0.13
CA THR A 481 7.99 -4.60 0.50
C THR A 481 6.58 -4.04 0.40
N ARG A 482 6.07 -3.48 1.50
CA ARG A 482 4.73 -2.90 1.53
C ARG A 482 4.48 -1.93 0.37
N MET A 483 5.46 -1.07 0.05
CA MET A 483 5.20 -0.05 -0.96
C MET A 483 5.14 -0.63 -2.37
N LEU A 484 5.62 -1.86 -2.59
CA LEU A 484 5.39 -2.51 -3.88
C LEU A 484 3.91 -2.78 -4.14
N ALA A 485 3.09 -2.84 -3.08
CA ALA A 485 1.67 -3.11 -3.27
C ALA A 485 0.91 -1.89 -3.76
N GLY A 486 1.36 -0.68 -3.42
CA GLY A 486 0.66 0.54 -3.76
C GLY A 486 0.78 1.60 -2.69
N PRO A 487 0.02 2.69 -2.80
CA PRO A 487 0.21 3.84 -1.88
C PRO A 487 -0.07 3.49 -0.43
N MET A 488 0.59 4.23 0.47
CA MET A 488 0.39 4.02 1.90
C MET A 488 0.17 5.35 2.59
N ASP A 489 -0.85 5.40 3.45
CA ASP A 489 -1.10 6.52 4.35
C ASP A 489 -0.22 6.34 5.59
N PHE A 490 1.03 6.80 5.49
CA PHE A 490 2.02 6.64 6.56
C PHE A 490 1.87 7.70 7.64
N THR A 491 1.23 8.83 7.33
CA THR A 491 1.14 10.08 8.09
C THR A 491 2.54 10.58 8.46
N PRO A 492 3.32 11.06 7.48
CA PRO A 492 4.66 11.58 7.76
C PRO A 492 4.61 12.94 8.41
N GLY A 493 5.79 13.48 8.73
CA GLY A 493 5.91 14.89 9.06
C GLY A 493 5.86 15.24 10.54
N ILE A 494 6.40 14.41 11.42
CA ILE A 494 6.47 14.75 12.83
C ILE A 494 7.66 15.67 13.05
N PHE A 495 7.41 16.88 13.54
CA PHE A 495 8.44 17.88 13.79
C PHE A 495 8.90 17.93 15.23
N ASP A 496 8.00 17.69 16.18
CA ASP A 496 8.42 17.55 17.58
C ASP A 496 8.67 16.07 17.82
N LEU A 497 9.94 15.69 17.83
CA LEU A 497 10.37 14.33 18.08
C LEU A 497 10.66 14.07 19.55
N SER A 498 10.41 15.05 20.43
CA SER A 498 10.91 15.04 21.79
C SER A 498 9.82 14.86 22.85
N PHE A 499 8.58 14.56 22.45
CA PHE A 499 7.47 14.58 23.40
C PHE A 499 7.61 13.51 24.48
N ASN A 500 8.39 12.46 24.23
CA ASN A 500 8.68 11.43 25.23
C ASN A 500 10.14 11.45 25.66
N GLY A 501 10.88 12.48 25.29
CA GLY A 501 12.33 12.49 25.52
C GLY A 501 13.09 11.98 24.32
N LEU A 502 14.32 12.45 24.18
CA LEU A 502 15.20 12.04 23.09
C LEU A 502 15.93 10.76 23.49
N GLY A 503 16.93 10.37 22.69
CA GLY A 503 17.62 9.11 22.93
C GLY A 503 16.97 7.96 22.17
N ALA A 504 17.55 6.78 22.38
CA ALA A 504 17.19 5.59 21.63
C ALA A 504 16.21 4.68 22.35
N ASN A 505 15.74 5.05 23.54
CA ASN A 505 14.96 4.14 24.37
C ASN A 505 13.58 4.69 24.73
N THR A 506 13.09 5.67 23.97
CA THR A 506 11.77 6.24 24.18
C THR A 506 10.90 5.99 22.97
N ASN A 507 9.59 6.13 23.14
CA ASN A 507 8.66 6.04 22.02
C ASN A 507 8.66 7.38 21.27
N ARG A 508 9.26 7.38 20.09
CA ARG A 508 9.39 8.54 19.23
C ARG A 508 9.76 8.04 17.85
N PRO A 509 9.57 8.84 16.80
CA PRO A 509 10.18 8.49 15.51
C PRO A 509 11.69 8.47 15.69
N GLN A 510 12.29 7.33 15.35
CA GLN A 510 13.73 7.18 15.49
C GLN A 510 14.42 7.63 14.21
N THR A 511 14.27 8.92 13.92
CA THR A 511 14.73 9.54 12.69
C THR A 511 15.21 10.95 12.99
N THR A 512 15.88 11.55 12.01
CA THR A 512 16.16 12.97 12.04
C THR A 512 14.98 13.75 11.46
N LEU A 513 15.05 15.07 11.61
CA LEU A 513 14.02 15.95 11.07
C LEU A 513 13.99 15.89 9.55
N ALA A 514 15.16 15.92 8.90
CA ALA A 514 15.20 15.88 7.45
C ALA A 514 14.61 14.58 6.92
N LYS A 515 14.76 13.48 7.65
CA LYS A 515 14.15 12.22 7.21
C LYS A 515 12.62 12.34 7.18
N GLN A 516 12.05 13.08 8.14
CA GLN A 516 10.60 13.29 8.13
C GLN A 516 10.17 14.03 6.88
N LEU A 517 10.99 14.98 6.40
CA LEU A 517 10.65 15.68 5.17
C LEU A 517 10.78 14.76 3.95
N ALA A 518 11.83 13.94 3.93
CA ALA A 518 12.06 13.04 2.80
C ALA A 518 10.89 12.08 2.58
N LEU A 519 10.15 11.74 3.64
CA LEU A 519 9.05 10.78 3.50
C LEU A 519 8.03 11.23 2.46
N TYR A 520 7.87 12.54 2.26
CA TYR A 520 6.84 13.01 1.34
C TYR A 520 7.18 12.66 -0.11
N VAL A 521 8.43 12.34 -0.40
CA VAL A 521 8.81 11.89 -1.74
C VAL A 521 9.12 10.40 -1.75
N VAL A 522 9.58 9.82 -0.64
CA VAL A 522 9.93 8.41 -0.64
C VAL A 522 8.69 7.52 -0.61
N LEU A 523 7.68 7.86 0.21
CA LEU A 523 6.51 7.00 0.38
C LEU A 523 5.34 7.59 -0.40
N TYR A 524 4.97 6.97 -1.52
CA TYR A 524 3.93 7.53 -2.36
C TYR A 524 2.56 7.36 -1.70
N SER A 525 1.76 8.44 -1.72
CA SER A 525 0.34 8.38 -1.42
C SER A 525 -0.33 9.59 -2.05
N PRO A 526 -1.53 9.44 -2.63
CA PRO A 526 -2.18 10.62 -3.23
C PRO A 526 -2.67 11.62 -2.20
N ILE A 527 -2.90 11.17 -0.96
CA ILE A 527 -3.10 12.10 0.15
C ILE A 527 -1.96 11.88 1.13
N GLN A 528 -1.37 12.98 1.58
CA GLN A 528 -0.25 12.96 2.51
C GLN A 528 -0.64 13.81 3.71
N MET A 529 -0.53 13.23 4.89
CA MET A 529 -0.80 13.99 6.10
C MET A 529 0.44 14.74 6.54
N ALA A 530 0.23 15.96 7.02
CA ALA A 530 1.18 16.59 7.92
C ALA A 530 0.68 16.25 9.31
N ALA A 531 1.28 15.21 9.91
CA ALA A 531 0.68 14.52 11.04
C ALA A 531 0.80 15.27 12.37
N ASP A 532 1.68 16.26 12.48
CA ASP A 532 1.98 16.81 13.80
C ASP A 532 0.93 17.83 14.24
N LEU A 533 1.03 18.23 15.50
CA LEU A 533 0.21 19.33 16.01
C LEU A 533 0.59 20.62 15.28
N PRO A 534 -0.38 21.46 14.92
CA PRO A 534 -0.06 22.71 14.20
C PRO A 534 1.02 23.54 14.87
N LYS A 535 1.00 23.66 16.21
CA LYS A 535 2.00 24.50 16.87
C LYS A 535 3.42 23.99 16.62
N ASN A 536 3.57 22.69 16.37
CA ASN A 536 4.91 22.16 16.13
C ASN A 536 5.43 22.54 14.74
N TYR A 537 4.53 22.77 13.80
CA TYR A 537 4.95 23.29 12.50
C TYR A 537 5.28 24.78 12.60
N LEU A 538 4.48 25.53 13.36
CA LEU A 538 4.75 26.96 13.54
C LEU A 538 6.09 27.21 14.21
N ALA A 539 6.60 26.23 14.96
CA ALA A 539 7.91 26.37 15.59
C ALA A 539 9.06 26.22 14.59
N LYS A 540 8.81 25.63 13.42
CA LYS A 540 9.87 25.34 12.45
C LYS A 540 9.39 25.73 11.05
N PRO A 541 9.15 27.02 10.81
CA PRO A 541 8.56 27.42 9.51
C PRO A 541 9.47 27.16 8.32
N ASP A 542 10.80 27.24 8.46
CA ASP A 542 11.64 27.01 7.29
C ASP A 542 11.55 25.56 6.83
N ALA A 543 11.63 24.62 7.78
CA ALA A 543 11.45 23.21 7.43
C ALA A 543 10.04 22.96 6.93
N PHE A 544 9.05 23.62 7.53
CA PHE A 544 7.66 23.42 7.15
C PHE A 544 7.41 23.82 5.70
N GLN A 545 8.24 24.72 5.15
CA GLN A 545 8.05 25.16 3.78
C GLN A 545 8.11 23.99 2.79
N PHE A 546 8.94 22.98 3.06
CA PHE A 546 8.98 21.84 2.15
C PHE A 546 7.64 21.13 2.10
N ILE A 547 7.01 20.92 3.27
CA ILE A 547 5.72 20.26 3.31
C ILE A 547 4.67 21.10 2.60
N GLN A 548 4.74 22.43 2.77
CA GLN A 548 3.81 23.30 2.05
C GLN A 548 4.00 23.21 0.55
N ASP A 549 5.25 23.02 0.10
CA ASP A 549 5.52 23.03 -1.33
C ASP A 549 5.22 21.70 -2.00
N VAL A 550 5.40 20.58 -1.31
CA VAL A 550 5.53 19.30 -2.01
C VAL A 550 4.17 18.84 -2.53
N PRO A 551 4.09 18.38 -3.78
CA PRO A 551 2.83 17.82 -4.30
C PRO A 551 2.67 16.37 -3.84
N THR A 552 1.50 15.79 -4.19
CA THR A 552 1.19 14.40 -3.89
C THR A 552 0.76 13.63 -5.13
N ASP A 553 0.93 14.23 -6.30
CA ASP A 553 0.46 13.64 -7.55
C ASP A 553 1.55 13.89 -8.59
N TRP A 554 1.94 12.84 -9.29
CA TRP A 554 3.20 12.86 -10.02
C TRP A 554 2.99 12.42 -11.45
N GLN A 555 3.61 13.12 -12.40
N GLN A 555 3.61 13.12 -12.38
CA GLN A 555 3.55 12.61 -13.76
CA GLN A 555 3.58 12.67 -13.77
C GLN A 555 4.60 11.55 -14.03
C GLN A 555 4.62 11.58 -14.04
N GLN A 556 5.69 11.52 -13.24
CA GLN A 556 6.67 10.46 -13.36
C GLN A 556 7.34 10.23 -12.01
N SER A 557 7.76 8.99 -11.76
CA SER A 557 8.50 8.61 -10.57
C SER A 557 9.62 7.67 -10.97
N ILE A 558 10.77 7.79 -10.29
CA ILE A 558 11.93 6.92 -10.54
C ILE A 558 12.63 6.66 -9.22
N ALA A 559 12.69 5.40 -8.81
CA ALA A 559 13.60 5.02 -7.73
C ALA A 559 15.00 4.97 -8.33
N LEU A 560 15.86 5.91 -7.92
CA LEU A 560 17.17 6.06 -8.56
C LEU A 560 18.19 5.05 -8.03
N ASP A 561 18.10 4.69 -6.76
CA ASP A 561 19.09 3.83 -6.13
C ASP A 561 18.50 3.34 -4.82
N GLY A 562 19.07 2.28 -4.27
CA GLY A 562 18.59 1.77 -3.01
C GLY A 562 18.99 0.35 -2.79
N ALA A 563 18.76 -0.11 -1.56
CA ALA A 563 19.01 -1.49 -1.17
C ALA A 563 18.03 -1.81 -0.03
N VAL A 564 17.44 -3.00 -0.08
CA VAL A 564 16.36 -3.31 0.86
C VAL A 564 16.89 -3.22 2.29
N GLY A 565 16.17 -2.47 3.13
CA GLY A 565 16.57 -2.36 4.52
C GLY A 565 17.78 -1.49 4.77
N ASP A 566 18.29 -0.80 3.76
CA ASP A 566 19.42 0.10 3.90
C ASP A 566 19.11 1.52 3.46
N PHE A 567 18.63 1.73 2.23
CA PHE A 567 18.34 3.09 1.79
C PHE A 567 17.50 3.07 0.53
N ILE A 568 16.92 4.22 0.19
CA ILE A 568 16.24 4.40 -1.08
C ILE A 568 16.29 5.88 -1.45
N VAL A 569 16.40 6.16 -2.75
CA VAL A 569 16.37 7.50 -3.31
C VAL A 569 15.31 7.54 -4.40
N PHE A 570 14.35 8.45 -4.27
CA PHE A 570 13.28 8.65 -5.25
C PHE A 570 13.41 10.03 -5.86
N ALA A 571 13.20 10.11 -7.17
CA ALA A 571 12.95 11.37 -7.86
C ALA A 571 11.59 11.31 -8.53
N ARG A 572 10.78 12.35 -8.37
CA ARG A 572 9.44 12.38 -8.96
C ARG A 572 9.17 13.75 -9.56
N LYS A 573 8.47 13.77 -10.69
CA LYS A 573 8.11 15.00 -11.38
C LYS A 573 6.64 15.29 -11.13
N GLU A 574 6.32 16.50 -10.70
CA GLU A 574 4.96 16.82 -10.30
C GLU A 574 4.02 16.76 -11.50
N ARG A 575 2.80 16.29 -11.26
CA ARG A 575 1.78 16.34 -12.29
C ARG A 575 1.19 17.73 -12.37
N LYS A 576 0.93 18.20 -13.59
CA LYS A 576 0.29 19.50 -13.79
C LYS A 576 -1.17 19.43 -13.35
N ARG A 577 -1.50 20.17 -12.30
CA ARG A 577 -2.79 20.10 -11.64
C ARG A 577 -2.81 21.15 -10.53
N ASP A 578 -3.94 21.84 -10.36
CA ASP A 578 -4.12 22.79 -9.24
C ASP A 578 -3.03 23.84 -9.32
N LYS A 579 -2.29 24.10 -8.24
CA LYS A 579 -1.23 25.09 -8.18
C LYS A 579 0.05 24.63 -8.87
N TYR A 580 0.16 23.35 -9.20
CA TYR A 580 1.42 22.79 -9.68
C TYR A 580 1.51 22.91 -11.20
N THR A 581 2.59 23.54 -11.67
CA THR A 581 2.76 23.76 -13.11
C THR A 581 3.08 22.48 -13.86
N GLY A 582 3.58 21.46 -13.18
CA GLY A 582 4.10 20.28 -13.85
C GLY A 582 5.57 20.36 -14.21
N ASN A 583 6.26 21.44 -13.85
CA ASN A 583 7.66 21.58 -14.23
C ASN A 583 8.65 21.22 -13.14
N ASP A 584 8.24 21.18 -11.87
CA ASP A 584 9.19 20.92 -10.79
C ASP A 584 9.42 19.41 -10.58
N TRP A 585 10.65 19.06 -10.24
CA TRP A 585 11.02 17.75 -9.77
C TRP A 585 11.25 17.79 -8.27
N TYR A 586 11.09 16.64 -7.63
CA TYR A 586 11.32 16.49 -6.20
C TYR A 586 12.16 15.24 -5.95
N LEU A 587 12.97 15.27 -4.91
CA LEU A 587 13.75 14.11 -4.54
C LEU A 587 13.61 13.84 -3.05
N GLY A 588 13.54 12.57 -2.68
CA GLY A 588 13.62 12.20 -1.28
C GLY A 588 14.55 11.02 -1.12
N ALA A 589 15.37 11.03 -0.07
CA ALA A 589 16.25 9.90 0.23
C ALA A 589 16.21 9.65 1.73
N VAL A 590 16.23 8.37 2.12
CA VAL A 590 16.34 8.01 3.53
C VAL A 590 17.33 6.86 3.68
N THR A 591 17.89 6.74 4.87
CA THR A 591 18.77 5.63 5.20
C THR A 591 18.20 4.89 6.41
N ASP A 592 18.91 3.85 6.81
CA ASP A 592 18.55 3.04 7.97
C ASP A 592 19.32 3.53 9.20
N GLU A 593 19.78 2.62 10.07
CA GLU A 593 20.50 3.06 11.26
C GLU A 593 21.89 3.60 10.94
N GLN A 594 22.40 3.41 9.72
CA GLN A 594 23.74 3.83 9.35
C GLN A 594 23.72 5.16 8.62
N ALA A 595 24.67 6.03 8.94
CA ALA A 595 24.95 7.18 8.08
C ALA A 595 25.46 6.67 6.74
N ARG A 596 25.01 7.31 5.65
CA ARG A 596 25.34 6.84 4.31
C ARG A 596 25.61 8.02 3.39
N THR A 597 26.60 7.86 2.52
CA THR A 597 26.88 8.80 1.44
C THR A 597 26.41 8.18 0.13
N ILE A 598 25.61 8.91 -0.63
CA ILE A 598 25.04 8.41 -1.87
C ILE A 598 25.33 9.41 -2.99
N GLU A 599 25.97 8.96 -4.05
CA GLU A 599 26.21 9.82 -5.21
C GLU A 599 25.05 9.69 -6.20
N ILE A 600 24.52 10.83 -6.62
CA ILE A 600 23.32 10.87 -7.45
C ILE A 600 23.58 11.74 -8.68
N SER A 601 23.30 11.20 -9.86
CA SER A 601 23.27 12.04 -11.05
C SER A 601 21.93 12.77 -11.13
N LEU A 602 21.98 14.05 -11.52
CA LEU A 602 20.75 14.81 -11.72
C LEU A 602 20.23 14.70 -13.14
N ASP A 603 20.64 13.67 -13.90
CA ASP A 603 20.23 13.64 -15.30
C ASP A 603 18.76 13.27 -15.48
N PHE A 604 18.00 13.02 -14.41
CA PHE A 604 16.55 12.93 -14.57
C PHE A 604 15.92 14.29 -14.87
N LEU A 605 16.60 15.39 -14.54
CA LEU A 605 16.05 16.70 -14.81
C LEU A 605 15.88 16.92 -16.31
N ASP A 606 14.86 17.68 -16.69
CA ASP A 606 14.60 17.97 -18.10
C ASP A 606 15.81 18.62 -18.74
N ASN A 607 16.20 18.10 -19.90
N ASN A 607 16.20 18.10 -19.90
CA ASN A 607 17.38 18.62 -20.57
CA ASN A 607 17.37 18.62 -20.60
C ASN A 607 17.14 20.04 -21.04
C ASN A 607 17.13 20.06 -21.02
N GLY A 608 18.17 20.87 -20.93
CA GLY A 608 18.09 22.26 -21.36
C GLY A 608 17.35 23.19 -20.43
N LYS A 609 16.89 22.72 -19.27
CA LYS A 609 16.23 23.58 -18.31
C LYS A 609 17.13 23.85 -17.12
N GLN A 610 16.99 25.04 -16.56
N GLN A 610 17.00 25.04 -16.55
CA GLN A 610 17.68 25.42 -15.34
CA GLN A 610 17.70 25.39 -15.33
C GLN A 610 16.75 25.24 -14.14
C GLN A 610 16.76 25.25 -14.14
N PHE A 611 17.28 24.69 -13.05
CA PHE A 611 16.52 24.51 -11.83
C PHE A 611 17.25 25.14 -10.65
N GLU A 612 16.48 25.57 -9.66
CA GLU A 612 17.02 25.98 -8.37
C GLU A 612 16.68 24.89 -7.38
N ALA A 613 17.69 24.10 -7.00
CA ALA A 613 17.47 23.07 -5.99
C ALA A 613 17.32 23.71 -4.62
N HIS A 614 16.25 23.36 -3.93
CA HIS A 614 16.01 23.80 -2.55
C HIS A 614 16.23 22.55 -1.71
N ILE A 615 17.38 22.46 -1.06
CA ILE A 615 17.87 21.22 -0.47
C ILE A 615 17.67 21.28 1.03
N TYR A 616 16.93 20.30 1.57
CA TYR A 616 16.71 20.17 3.01
C TYR A 616 17.43 18.90 3.45
N LYS A 617 18.51 19.05 4.21
CA LYS A 617 19.35 17.90 4.52
C LYS A 617 19.78 17.93 5.97
N ASP A 618 20.29 16.79 6.43
CA ASP A 618 20.83 16.68 7.77
C ASP A 618 21.97 17.67 7.96
N GLY A 619 21.96 18.36 9.10
CA GLY A 619 23.10 19.18 9.46
C GLY A 619 24.36 18.37 9.65
N LYS A 620 25.48 19.08 9.64
CA LYS A 620 26.81 18.49 9.79
C LYS A 620 26.88 17.47 10.93
N ASN A 621 26.32 17.82 12.10
CA ASN A 621 26.45 16.99 13.29
C ASN A 621 25.17 16.23 13.63
N ALA A 622 24.20 16.19 12.71
CA ALA A 622 22.95 15.48 12.98
C ALA A 622 23.19 14.00 13.23
N GLU A 623 22.44 13.46 14.19
CA GLU A 623 22.34 12.02 14.39
C GLU A 623 21.06 11.78 15.17
N TRP A 624 20.33 10.71 14.84
CA TRP A 624 18.92 10.66 15.23
C TRP A 624 18.72 10.57 16.74
N LYS A 625 19.67 9.99 17.49
CA LYS A 625 19.40 9.67 18.89
C LYS A 625 19.27 10.93 19.74
N ASN A 626 20.31 11.76 19.75
CA ASN A 626 20.31 12.94 20.60
C ASN A 626 20.48 14.23 19.83
N ASN A 627 20.69 14.19 18.52
CA ASN A 627 20.79 15.43 17.76
C ASN A 627 19.98 15.35 16.48
N PRO A 628 18.68 15.04 16.55
CA PRO A 628 17.91 14.83 15.31
C PRO A 628 17.51 16.10 14.59
N TYR A 629 17.58 17.27 15.23
CA TYR A 629 17.03 18.46 14.61
C TYR A 629 18.02 19.27 13.78
N ASP A 630 19.33 18.97 13.86
CA ASP A 630 20.28 19.73 13.06
C ASP A 630 19.92 19.62 11.59
N LEU A 631 19.73 20.76 10.94
CA LEU A 631 19.18 20.82 9.60
C LEU A 631 19.89 21.91 8.82
N THR A 632 20.16 21.64 7.55
CA THR A 632 20.70 22.63 6.64
C THR A 632 19.74 22.79 5.46
N ILE A 633 19.42 24.03 5.11
CA ILE A 633 18.58 24.31 3.95
C ILE A 633 19.38 25.19 3.01
N GLU A 634 19.54 24.75 1.78
CA GLU A 634 20.46 25.35 0.83
C GLU A 634 19.75 25.54 -0.50
N LYS A 635 20.06 26.64 -1.19
CA LYS A 635 19.60 26.85 -2.56
C LYS A 635 20.79 26.80 -3.50
N ARG A 636 20.65 26.05 -4.59
N ARG A 636 20.69 25.99 -4.56
CA ARG A 636 21.76 25.78 -5.50
CA ARG A 636 21.77 25.79 -5.50
C ARG A 636 21.23 25.65 -6.92
C ARG A 636 21.19 25.70 -6.90
N LEU A 637 21.80 26.41 -7.85
CA LEU A 637 21.41 26.28 -9.26
C LEU A 637 22.00 25.01 -9.84
N VAL A 638 21.17 24.22 -10.53
CA VAL A 638 21.60 22.95 -11.11
C VAL A 638 20.91 22.72 -12.44
N THR A 639 21.51 21.84 -13.25
CA THR A 639 20.91 21.34 -14.48
C THR A 639 21.12 19.83 -14.53
N ALA A 640 20.60 19.22 -15.59
CA ALA A 640 20.69 17.77 -15.77
C ALA A 640 22.12 17.26 -15.83
N SER A 641 23.10 18.11 -16.12
CA SER A 641 24.47 17.63 -16.19
C SER A 641 25.17 17.63 -14.84
N ASP A 642 24.50 18.09 -13.78
CA ASP A 642 25.12 18.15 -12.47
C ASP A 642 24.94 16.85 -11.70
N LYS A 643 25.63 16.76 -10.57
CA LYS A 643 25.49 15.62 -9.67
C LYS A 643 25.39 16.12 -8.25
N LEU A 644 24.89 15.25 -7.38
CA LEU A 644 24.74 15.53 -5.95
C LEU A 644 25.38 14.43 -5.14
N THR A 645 26.01 14.80 -4.03
CA THR A 645 26.43 13.85 -3.02
C THR A 645 25.47 13.99 -1.85
N LEU A 646 24.66 12.96 -1.62
CA LEU A 646 23.79 12.93 -0.45
C LEU A 646 24.58 12.43 0.75
N LYS A 647 24.54 13.18 1.85
CA LYS A 647 25.18 12.77 3.10
C LYS A 647 24.06 12.63 4.12
N LEU A 648 23.65 11.39 4.36
N LEU A 648 23.64 11.39 4.35
CA LEU A 648 22.53 11.07 5.22
CA LEU A 648 22.52 11.10 5.24
C LEU A 648 23.07 10.74 6.62
C LEU A 648 23.05 10.74 6.61
N ALA A 649 22.53 11.41 7.64
CA ALA A 649 22.90 11.09 9.01
C ALA A 649 22.33 9.72 9.39
N THR A 650 22.71 9.23 10.58
CA THR A 650 22.07 8.03 11.09
C THR A 650 20.56 8.23 11.16
N SER A 651 19.82 7.30 10.56
CA SER A 651 18.37 7.43 10.34
C SER A 651 18.00 8.82 9.83
N GLY A 652 18.79 9.29 8.86
CA GLY A 652 18.60 10.60 8.28
C GLY A 652 18.00 10.54 6.89
N GLY A 653 17.98 11.71 6.25
CA GLY A 653 17.35 11.83 4.95
C GLY A 653 17.62 13.18 4.35
N THR A 654 17.21 13.32 3.09
CA THR A 654 17.31 14.58 2.37
C THR A 654 16.06 14.74 1.51
N ALA A 655 15.51 15.95 1.50
CA ALA A 655 14.38 16.30 0.65
C ALA A 655 14.78 17.48 -0.21
N ILE A 656 14.45 17.44 -1.50
CA ILE A 656 14.84 18.49 -2.42
C ILE A 656 13.66 18.88 -3.29
N ARG A 657 13.44 20.18 -3.43
CA ARG A 657 12.57 20.72 -4.47
C ARG A 657 13.46 21.28 -5.58
N PHE A 658 13.32 20.75 -6.79
CA PHE A 658 14.01 21.29 -7.96
C PHE A 658 13.03 22.24 -8.64
N LYS A 659 13.16 23.52 -8.36
CA LYS A 659 12.23 24.51 -8.89
C LYS A 659 12.67 24.91 -10.29
N ALA A 660 11.84 24.58 -11.29
CA ALA A 660 12.13 25.00 -12.66
C ALA A 660 12.12 26.52 -12.73
N LEU A 661 13.12 27.08 -13.40
CA LEU A 661 13.24 28.53 -13.56
C LEU A 661 12.70 28.95 -14.92
N LEU A 662 11.91 30.02 -14.93
CA LEU A 662 11.25 30.59 -16.12
C LEU A 662 10.68 29.53 -17.08
C1 GLC B . 3.25 -2.45 23.10
C2 GLC B . 2.53 -1.57 24.10
C3 GLC B . 1.14 -1.10 23.73
C4 GLC B . 0.56 -1.52 22.42
C5 GLC B . 1.29 -2.60 21.62
C6 GLC B . 1.88 -2.07 20.37
O1 GLC B . 4.17 -3.25 23.76
O2 GLC B . 2.40 -2.28 25.35
O3 GLC B . 1.15 0.37 23.83
O4 GLC B . -0.76 -2.16 22.73
O5 GLC B . 2.31 -3.34 22.38
O6 GLC B . 1.64 -3.03 19.37
C1 GLC B . -1.89 -1.35 22.62
C2 GLC B . -2.99 -2.19 21.98
C3 GLC B . -2.87 -2.25 20.48
C4 GLC B . -3.00 -0.88 19.91
C5 GLC B . -1.96 0.09 20.49
C6 GLC B . -2.43 1.50 20.30
O2 GLC B . -2.94 -3.52 22.53
O3 GLC B . -3.93 -3.12 19.95
O4 GLC B . -2.89 -0.91 18.41
O5 GLC B . -1.63 -0.05 21.95
O6 GLC B . -3.29 1.90 21.34
C1 AC1 B . -4.16 -0.85 17.85
O2 AC1 B . -3.26 -2.33 16.20
C2 AC1 B . -4.14 -1.20 16.37
C4A AC1 B . -6.45 5.69 14.21
C3 AC1 B . -3.70 -0.03 15.53
O3 AC1 B . -3.61 -0.41 14.14
C4 AC1 B . -4.66 1.11 15.73
N4A AC1 B . -4.48 2.21 14.73
C5 AC1 B . -4.29 1.55 17.14
O5 AC1 B . -4.76 0.51 18.08
C6 AC1 B . -4.86 2.87 17.56
C1B AC1 B . -5.76 2.69 14.07
C2B AC1 B . -5.42 3.84 12.92
O2B AC1 B . -4.39 3.32 12.09
C3B AC1 B . -5.11 5.08 13.52
O3B AC1 B . -4.63 6.06 12.56
O4 AC1 B . -6.14 6.87 14.93
C5B AC1 B . -7.11 4.76 15.09
C7B AC1 B . -6.74 3.17 14.98
C6B AC1 B . -8.49 5.16 15.64
O6B AC1 B . -9.41 5.03 14.60
CA CA C . -3.46 1.21 12.48
CL CL D . -3.17 -3.95 9.41
CL CL E . 9.56 5.23 11.04
MG MG F . 20.05 -1.88 6.80
C1 GOL G . 2.65 -27.13 -25.28
O1 GOL G . 3.26 -27.58 -24.09
C2 GOL G . 3.69 -26.93 -26.38
O2 GOL G . 4.53 -28.07 -26.44
C3 GOL G . 2.98 -26.79 -27.73
O3 GOL G . 2.19 -27.95 -27.95
C1 GOL H . -1.91 4.72 23.69
O1 GOL H . -0.87 5.27 24.47
C2 GOL H . -2.62 5.85 22.94
O2 GOL H . -3.60 6.45 23.76
C3 GOL H . -3.23 5.33 21.63
O3 GOL H . -4.23 4.36 21.87
C FMT I . -7.19 -16.41 -25.15
O1 FMT I . -7.58 -17.20 -24.30
O2 FMT I . -7.59 -15.24 -25.25
C FMT J . -10.35 7.94 24.23
O1 FMT J . -9.25 8.48 24.32
O2 FMT J . -11.31 8.16 24.98
C FMT K . 25.92 14.27 7.60
O1 FMT K . 25.07 14.79 8.31
O2 FMT K . 26.47 13.18 7.86
C FMT L . -19.05 8.32 -10.42
O1 FMT L . -19.42 7.71 -9.41
O2 FMT L . -17.88 8.46 -10.76
UNK UNX M . -16.96 -28.17 -3.30
#